data_7B5S
#
_entry.id   7B5S
#
_cell.length_a   1.00
_cell.length_b   1.00
_cell.length_c   1.00
_cell.angle_alpha   90.00
_cell.angle_beta   90.00
_cell.angle_gamma   90.00
#
_symmetry.space_group_name_H-M   'P 1'
#
loop_
_entity.id
_entity.type
_entity.pdbx_description
1 polymer Cullin-1
2 polymer 'E3 ubiquitin-protein ligase ARIH1'
3 polymer 'E3 ubiquitin-protein ligase RBX1'
4 non-polymer 'ZINC ION'
#
loop_
_entity_poly.entity_id
_entity_poly.type
_entity_poly.pdbx_seq_one_letter_code
_entity_poly.pdbx_strand_id
1 'polypeptide(L)'
;MSSTRSQNPHGLKQIGLDQIWDDLRAGIQQVYTRQSMAKSRYMELYTHVYNYCTSVHQSNQARGAGVPPSKSKKGQTPGG
AQFVGLELYKRLKEFLKNYLTNLLKDGEDLMDESVLKFYTQQWEDYRFSSKVLNGICAYLNRHWVRRECDEGRKGIYEIY
SLALVTWRDCLFRPLNKQVTNAVLKLIEKERNGETINTRLISGVVQSYVELGLNEDDAFAKGPTLTVYKESFESQFLADT
ERFYTRESTEFLQQNPVTEYMKKAEARLLEEQRRVQVYLHESTQDELARKCEQVLIEKHLEIFHTEFQNLLDADKNEDLG
RMYNLVSRIQDGLGELKKLLETHIHNQGLAAIEKCGEAALNDPKMYVQTVLDVHKKYNALVMSAFNNDAGFVAALDKACG
RFINNNAVTKMAQSSSKSPELLARYCDSLLKKSSKNPEEAELEDTLNQVMVVFKYIEDKDVFQKFYAKMLAKRLVHQNSA
SDDAEASMISKLKQACGFEYTSKLQRMFQDIGVSKDLNEQFKKHLTNSEPLDLDFSIQVLSSGSWPFQQSCTFALPSELE
RSYQRFTAFYASRHSGRKLTWLYQLSKGELVTNCFKNRYTLQASTFQMAILLQYNTEDAYTVQQLTDSTQIKMDILAQVL
QILLKSKLLVLEDENANVDEVELKPDTLIKLYLGYKNKKLRVNINVPMKTEQKQEQETTHKNIEEDRKLLIQAAIVRIMK
MRKVLKHQQLLGEVLTQLSSRFKPRVPVIKKCIDILIEKEYLERVDGEKDTYSYLA
;
C
2 'polypeptide(L)'
;MDSDEGYNYEFDEDEECSEEDSGAEEEEDEDDDEPDDDTLDLGEVELVEPGLGVGGERDGLLCGETGGGGGSALGPGGGG
GGGGGGGGGGPGHEQEEDYRYEVLTAEQILQHMVECIREVNEVIQNPATITRILLSHFNWDKEKLMERYFDGNLEKLFAE
CHVINPSKKSRTRQMNTRSSAQDMPCQICYLNYPNSYFTGLECGHKFCMQCWSEYLTTKIMEEGMGQTISCPAHGCDILV
DDNTVMRLITDSKVKLKYQHLITNSFVECNRLLKWCPAPDCHHVVKVQYPDAKPVRCKCGRQFCFNCGENWHDPVKCKWL
KKWIKKCDDDSETSNWIAANTKECPKCHVTIEKDGGCNHMVCRNQNCKAEFCWVCLGPWEPHGSAWYNCNRYNEDDAKAA
RDAQERSRAALQRYLFYCNRYMNHMQSLRFEHKLYAQVKQKMEEMQQHNMSWIEVQFLKKAVDVLCQCRATLMYTYVFAF
YLKKNNQSIIFENNQADLENATEVLSGYLERDISQDSLQDIKQKVQDKYRYCESRRRVLLQHVHEGYEKDLWEYIED
;
H
3 'polypeptide(L)'
;MAAAMDVDTPSGTNSGAGKKRFEVKKWNAVALWAWDIVVDNCAICRNHIMDLCIECQANQASATSEECTVAWGVCNHAFH
FHCISRWLKTRQVCPLDNREWEFQKYGH
;
R
#
loop_
_chem_comp.id
_chem_comp.type
_chem_comp.name
_chem_comp.formula
ZN non-polymer 'ZINC ION' 'Zn 2'
#
# COMPACT_ATOMS: atom_id res chain seq x y z
N LEU A 17 -44.28 35.57 -68.75
CA LEU A 17 -45.08 36.57 -69.44
C LEU A 17 -46.54 36.54 -68.98
N ASP A 18 -47.44 36.75 -69.93
CA ASP A 18 -48.87 36.83 -69.68
C ASP A 18 -49.64 35.68 -70.29
N GLN A 19 -49.30 35.28 -71.52
CA GLN A 19 -49.97 34.12 -72.13
C GLN A 19 -49.49 32.82 -71.49
N ILE A 20 -48.47 32.90 -70.65
CA ILE A 20 -47.93 31.70 -70.01
C ILE A 20 -48.39 31.61 -68.56
N TRP A 21 -48.66 32.77 -67.94
CA TRP A 21 -48.91 32.83 -66.50
C TRP A 21 -50.18 32.09 -66.12
N ASP A 22 -51.24 32.21 -66.92
CA ASP A 22 -52.50 31.58 -66.57
C ASP A 22 -52.41 30.06 -66.60
N ASP A 23 -51.82 29.51 -67.67
CA ASP A 23 -51.64 28.06 -67.74
C ASP A 23 -50.70 27.57 -66.66
N LEU A 24 -49.63 28.32 -66.38
CA LEU A 24 -48.69 27.90 -65.34
C LEU A 24 -49.35 27.95 -63.97
N ARG A 25 -50.22 28.94 -63.74
CA ARG A 25 -50.99 28.97 -62.50
C ARG A 25 -51.92 27.77 -62.39
N ALA A 26 -52.56 27.40 -63.49
CA ALA A 26 -53.40 26.20 -63.47
C ALA A 26 -52.57 24.97 -63.12
N GLY A 27 -51.40 24.83 -63.72
CA GLY A 27 -50.55 23.69 -63.42
C GLY A 27 -50.10 23.65 -61.97
N ILE A 28 -49.74 24.82 -61.42
CA ILE A 28 -49.28 24.86 -60.04
C ILE A 28 -50.44 24.56 -59.09
N GLN A 29 -51.64 25.07 -59.39
CA GLN A 29 -52.78 24.69 -58.58
C GLN A 29 -53.05 23.20 -58.68
N GLN A 30 -52.70 22.59 -59.82
CA GLN A 30 -52.84 21.15 -59.96
C GLN A 30 -51.84 20.40 -59.09
N VAL A 31 -50.59 20.90 -59.01
CA VAL A 31 -49.57 20.14 -58.30
C VAL A 31 -49.85 20.13 -56.80
N TYR A 32 -50.37 21.22 -56.26
CA TYR A 32 -50.90 21.19 -54.91
C TYR A 32 -52.28 20.54 -54.94
N THR A 33 -52.75 20.10 -53.76
CA THR A 33 -53.87 19.17 -53.66
C THR A 33 -53.62 17.97 -54.57
N ARG A 34 -52.55 17.25 -54.23
CA ARG A 34 -51.90 16.37 -55.18
C ARG A 34 -52.84 15.30 -55.72
N GLN A 35 -52.72 15.02 -57.02
CA GLN A 35 -53.58 14.08 -57.72
C GLN A 35 -52.77 13.14 -58.60
N SER A 36 -51.44 13.11 -58.40
CA SER A 36 -50.54 12.18 -59.08
C SER A 36 -50.64 12.33 -60.60
N MET A 37 -50.22 13.49 -61.08
CA MET A 37 -50.28 13.76 -62.50
C MET A 37 -49.15 13.03 -63.23
N ALA A 38 -49.24 13.01 -64.56
CA ALA A 38 -48.35 12.25 -65.41
C ALA A 38 -47.21 13.12 -65.93
N LYS A 39 -46.26 12.48 -66.61
CA LYS A 39 -45.06 13.18 -67.05
C LYS A 39 -45.35 14.31 -68.02
N SER A 40 -46.42 14.20 -68.82
CA SER A 40 -46.68 15.21 -69.82
C SER A 40 -46.97 16.57 -69.18
N ARG A 41 -47.78 16.56 -68.12
CA ARG A 41 -48.14 17.79 -67.43
C ARG A 41 -46.89 18.49 -66.87
N TYR A 42 -46.06 17.76 -66.14
CA TYR A 42 -44.90 18.39 -65.51
C TYR A 42 -43.86 18.79 -66.56
N MET A 43 -43.73 18.00 -67.62
CA MET A 43 -42.81 18.38 -68.68
C MET A 43 -43.26 19.65 -69.39
N GLU A 44 -44.56 19.80 -69.64
CA GLU A 44 -45.00 21.03 -70.31
C GLU A 44 -44.87 22.23 -69.39
N LEU A 45 -45.11 22.04 -68.10
CA LEU A 45 -44.89 23.14 -67.15
C LEU A 45 -43.43 23.57 -67.15
N TYR A 46 -42.51 22.60 -67.07
CA TYR A 46 -41.10 22.92 -67.12
C TYR A 46 -40.74 23.60 -68.43
N THR A 47 -41.36 23.17 -69.52
CA THR A 47 -41.08 23.81 -70.81
C THR A 47 -41.52 25.27 -70.78
N HIS A 48 -42.66 25.56 -70.15
CA HIS A 48 -43.10 26.94 -70.01
C HIS A 48 -42.09 27.77 -69.24
N VAL A 49 -41.64 27.25 -68.09
CA VAL A 49 -40.71 28.00 -67.26
C VAL A 49 -39.39 28.23 -67.97
N TYR A 50 -38.94 27.26 -68.76
CA TYR A 50 -37.73 27.46 -69.54
C TYR A 50 -37.96 28.44 -70.68
N ASN A 51 -39.16 28.43 -71.28
CA ASN A 51 -39.44 29.35 -72.38
C ASN A 51 -39.41 30.79 -71.90
N TYR A 52 -39.98 31.07 -70.72
CA TYR A 52 -39.96 32.44 -70.23
C TYR A 52 -38.53 32.92 -70.00
N CYS A 53 -37.69 32.12 -69.34
CA CYS A 53 -36.38 32.57 -68.88
C CYS A 53 -35.36 32.70 -70.00
N THR A 54 -35.79 32.65 -71.26
CA THR A 54 -34.92 32.90 -72.40
C THR A 54 -35.62 33.89 -73.31
N SER A 55 -34.88 34.87 -73.82
CA SER A 55 -35.45 35.87 -74.71
C SER A 55 -34.34 36.60 -75.47
N VAL A 84 -33.31 36.03 -65.78
CA VAL A 84 -34.05 37.26 -66.01
C VAL A 84 -35.53 37.02 -65.77
N GLY A 85 -35.85 36.51 -64.57
CA GLY A 85 -37.21 36.16 -64.24
C GLY A 85 -37.68 36.73 -62.92
N LEU A 86 -37.29 37.97 -62.64
CA LEU A 86 -37.61 38.57 -61.35
C LEU A 86 -39.11 38.66 -61.14
N GLU A 87 -39.86 39.06 -62.19
CA GLU A 87 -41.30 39.18 -62.04
C GLU A 87 -41.94 37.82 -61.80
N LEU A 88 -41.42 36.77 -62.43
CA LEU A 88 -41.92 35.43 -62.16
C LEU A 88 -41.64 35.04 -60.71
N TYR A 89 -40.47 35.40 -60.19
CA TYR A 89 -40.17 35.19 -58.78
C TYR A 89 -41.20 35.89 -57.90
N LYS A 90 -41.54 37.12 -58.23
CA LYS A 90 -42.52 37.86 -57.44
C LYS A 90 -43.88 37.17 -57.49
N ARG A 91 -44.30 36.75 -58.69
CA ARG A 91 -45.59 36.09 -58.81
C ARG A 91 -45.63 34.81 -57.99
N LEU A 92 -44.53 34.04 -58.00
CA LEU A 92 -44.48 32.80 -57.24
C LEU A 92 -44.56 33.08 -55.75
N LYS A 93 -43.83 34.10 -55.28
CA LYS A 93 -43.85 34.42 -53.86
C LYS A 93 -45.25 34.85 -53.42
N GLU A 94 -45.90 35.70 -54.22
CA GLU A 94 -47.24 36.16 -53.86
C GLU A 94 -48.24 35.00 -53.89
N PHE A 95 -48.13 34.12 -54.88
CA PHE A 95 -49.04 32.98 -54.94
C PHE A 95 -48.86 32.09 -53.72
N LEU A 96 -47.62 31.83 -53.33
CA LEU A 96 -47.38 30.99 -52.17
C LEU A 96 -47.96 31.61 -50.91
N LYS A 97 -47.75 32.93 -50.74
CA LYS A 97 -48.30 33.59 -49.56
C LYS A 97 -49.82 33.53 -49.54
N ASN A 98 -50.44 33.73 -50.70
CA ASN A 98 -51.90 33.69 -50.77
C ASN A 98 -52.43 32.30 -50.45
N TYR A 99 -51.77 31.27 -50.97
CA TYR A 99 -52.22 29.91 -50.69
C TYR A 99 -52.06 29.58 -49.22
N LEU A 100 -50.97 30.02 -48.59
CA LEU A 100 -50.80 29.77 -47.17
C LEU A 100 -51.86 30.49 -46.34
N THR A 101 -52.22 31.72 -46.74
CA THR A 101 -53.30 32.42 -46.05
C THR A 101 -54.62 31.68 -46.21
N ASN A 102 -54.90 31.20 -47.42
CA ASN A 102 -56.12 30.41 -47.65
C ASN A 102 -56.13 29.18 -46.77
N LEU A 103 -55.00 28.50 -46.64
CA LEU A 103 -54.94 27.32 -45.80
C LEU A 103 -55.16 27.67 -44.33
N LEU A 104 -54.54 28.75 -43.86
CA LEU A 104 -54.75 29.16 -42.48
C LEU A 104 -56.18 29.56 -42.20
N LYS A 105 -56.93 29.96 -43.24
CA LYS A 105 -58.35 30.30 -43.06
C LYS A 105 -59.09 29.20 -42.31
N ASP A 106 -58.61 27.96 -42.42
CA ASP A 106 -59.15 26.84 -41.69
C ASP A 106 -58.09 26.24 -40.77
N GLY A 107 -58.55 25.60 -39.69
CA GLY A 107 -57.66 24.85 -38.82
C GLY A 107 -57.10 25.64 -37.66
N GLU A 108 -57.31 26.96 -37.67
CA GLU A 108 -56.82 27.78 -36.59
C GLU A 108 -57.83 27.79 -35.45
N ASP A 109 -57.33 27.86 -34.21
CA ASP A 109 -58.15 27.72 -33.00
C ASP A 109 -58.85 26.37 -32.93
N LEU A 110 -58.05 25.31 -32.78
CA LEU A 110 -58.56 24.00 -32.39
C LEU A 110 -57.94 23.53 -31.07
N MET A 111 -56.66 23.83 -30.84
CA MET A 111 -56.04 23.88 -29.52
C MET A 111 -55.73 22.54 -28.86
N ASP A 112 -56.20 21.42 -29.43
CA ASP A 112 -55.97 20.13 -28.78
C ASP A 112 -56.20 18.94 -29.71
N GLU A 113 -55.18 18.10 -29.86
CA GLU A 113 -55.32 16.75 -30.39
C GLU A 113 -55.77 16.76 -31.85
N SER A 114 -56.09 17.94 -32.36
CA SER A 114 -56.54 18.11 -33.72
C SER A 114 -55.66 19.04 -34.53
N VAL A 115 -55.04 20.04 -33.88
CA VAL A 115 -54.02 20.83 -34.57
C VAL A 115 -52.84 19.95 -34.92
N LEU A 116 -52.68 18.81 -34.26
CA LEU A 116 -51.65 17.85 -34.67
C LEU A 116 -52.08 17.09 -35.92
N LYS A 117 -53.26 16.47 -35.88
CA LYS A 117 -53.76 15.77 -37.06
C LYS A 117 -53.90 16.71 -38.24
N PHE A 118 -54.18 17.98 -37.97
CA PHE A 118 -54.16 19.01 -39.01
C PHE A 118 -52.75 19.31 -39.48
N TYR A 119 -51.89 19.67 -38.54
CA TYR A 119 -50.61 20.28 -38.88
C TYR A 119 -49.68 19.29 -39.55
N THR A 120 -49.60 18.06 -39.02
CA THR A 120 -48.69 17.08 -39.60
C THR A 120 -49.09 16.72 -41.03
N GLN A 121 -50.39 16.50 -41.25
CA GLN A 121 -50.84 16.14 -42.60
C GLN A 121 -50.65 17.30 -43.57
N GLN A 122 -51.03 18.51 -43.17
CA GLN A 122 -50.79 19.67 -44.03
C GLN A 122 -49.32 19.81 -44.32
N TRP A 123 -48.46 19.59 -43.33
CA TRP A 123 -47.03 19.76 -43.52
C TRP A 123 -46.46 18.72 -44.48
N GLU A 124 -46.86 17.46 -44.32
CA GLU A 124 -46.37 16.43 -45.23
C GLU A 124 -46.79 16.74 -46.66
N ASP A 125 -48.06 17.04 -46.86
CA ASP A 125 -48.53 17.32 -48.21
C ASP A 125 -47.85 18.55 -48.80
N TYR A 126 -47.72 19.61 -48.01
CA TYR A 126 -47.11 20.84 -48.50
C TYR A 126 -45.64 20.62 -48.83
N ARG A 127 -44.93 19.86 -48.00
CA ARG A 127 -43.52 19.61 -48.24
C ARG A 127 -43.32 18.81 -49.51
N PHE A 128 -44.12 17.75 -49.70
CA PHE A 128 -43.99 16.95 -50.92
C PHE A 128 -44.32 17.78 -52.16
N SER A 129 -45.42 18.53 -52.10
CA SER A 129 -45.81 19.33 -53.25
C SER A 129 -44.76 20.38 -53.57
N SER A 130 -44.20 21.02 -52.54
CA SER A 130 -43.19 22.04 -52.75
C SER A 130 -41.92 21.45 -53.34
N LYS A 131 -41.56 20.23 -52.92
CA LYS A 131 -40.40 19.57 -53.54
C LYS A 131 -40.66 19.34 -55.02
N VAL A 132 -41.87 18.91 -55.37
CA VAL A 132 -42.17 18.70 -56.79
C VAL A 132 -42.09 20.03 -57.54
N LEU A 133 -42.60 21.10 -56.94
CA LEU A 133 -42.56 22.41 -57.59
C LEU A 133 -41.13 22.87 -57.80
N ASN A 134 -40.27 22.71 -56.80
CA ASN A 134 -38.85 22.98 -56.99
C ASN A 134 -38.31 22.17 -58.15
N GLY A 135 -38.85 20.96 -58.33
CA GLY A 135 -38.53 20.20 -59.52
C GLY A 135 -38.94 20.91 -60.80
N ILE A 136 -40.16 21.45 -60.85
CA ILE A 136 -40.66 22.02 -62.10
C ILE A 136 -39.87 23.27 -62.46
N CYS A 137 -39.94 24.29 -61.61
CA CYS A 137 -39.29 25.56 -61.93
C CYS A 137 -37.82 25.53 -61.51
N ALA A 138 -37.07 24.55 -62.01
CA ALA A 138 -35.69 24.37 -61.62
C ALA A 138 -34.72 25.15 -62.49
N TYR A 139 -35.18 25.85 -63.51
CA TYR A 139 -34.27 26.70 -64.26
C TYR A 139 -34.05 28.04 -63.58
N LEU A 140 -34.90 28.39 -62.60
CA LEU A 140 -34.66 29.60 -61.82
C LEU A 140 -33.43 29.42 -60.93
N ASN A 141 -33.29 28.24 -60.32
CA ASN A 141 -32.23 28.01 -59.36
C ASN A 141 -30.85 27.99 -60.01
N ARG A 142 -30.80 27.87 -61.33
CA ARG A 142 -29.52 27.66 -61.99
C ARG A 142 -28.97 28.89 -62.68
N HIS A 143 -29.80 29.83 -63.11
CA HIS A 143 -29.29 30.98 -63.83
C HIS A 143 -29.96 32.31 -63.49
N TRP A 144 -30.65 32.42 -62.35
CA TRP A 144 -31.06 33.74 -61.89
C TRP A 144 -30.76 33.87 -60.40
N VAL A 145 -30.57 32.74 -59.72
CA VAL A 145 -30.20 32.76 -58.32
C VAL A 145 -28.70 32.48 -58.23
N ARG A 146 -28.06 32.29 -59.37
CA ARG A 146 -26.61 32.37 -59.41
C ARG A 146 -26.11 33.80 -59.53
N ARG A 147 -26.97 34.72 -59.97
CA ARG A 147 -26.70 36.15 -59.94
C ARG A 147 -27.86 36.77 -59.18
N GLU A 148 -27.76 36.76 -57.85
CA GLU A 148 -28.88 37.18 -57.02
C GLU A 148 -29.06 38.69 -57.06
N TYR A 157 -32.34 31.90 -52.24
CA TYR A 157 -33.56 32.27 -52.92
C TYR A 157 -34.08 31.14 -53.81
N GLU A 158 -33.54 29.93 -53.63
CA GLU A 158 -34.04 28.79 -54.38
C GLU A 158 -35.47 28.46 -53.95
N ILE A 159 -36.25 27.94 -54.90
CA ILE A 159 -37.70 27.89 -54.71
C ILE A 159 -38.07 27.03 -53.51
N TYR A 160 -37.36 25.92 -53.30
CA TYR A 160 -37.64 25.09 -52.14
C TYR A 160 -37.42 25.86 -50.85
N SER A 161 -36.33 26.64 -50.79
CA SER A 161 -36.10 27.44 -49.61
C SER A 161 -37.16 28.51 -49.45
N LEU A 162 -37.65 29.08 -50.55
CA LEU A 162 -38.73 30.05 -50.44
C LEU A 162 -39.97 29.42 -49.85
N ALA A 163 -40.32 28.22 -50.28
CA ALA A 163 -41.48 27.54 -49.73
C ALA A 163 -41.28 27.26 -48.25
N LEU A 164 -40.07 26.87 -47.86
CA LEU A 164 -39.80 26.66 -46.43
C LEU A 164 -39.94 27.96 -45.65
N VAL A 165 -39.46 29.08 -46.19
CA VAL A 165 -39.58 30.35 -45.49
C VAL A 165 -41.04 30.74 -45.31
N THR A 166 -41.84 30.58 -46.36
CA THR A 166 -43.25 30.93 -46.25
C THR A 166 -43.95 30.02 -45.24
N TRP A 167 -43.63 28.73 -45.22
CA TRP A 167 -44.22 27.88 -44.19
C TRP A 167 -43.71 28.26 -42.81
N ARG A 168 -42.49 28.78 -42.72
CA ARG A 168 -42.00 29.27 -41.44
C ARG A 168 -42.85 30.42 -40.95
N ASP A 169 -43.21 31.32 -41.85
CA ASP A 169 -44.16 32.36 -41.51
C ASP A 169 -45.52 31.76 -41.14
N CYS A 170 -45.88 30.61 -41.72
CA CYS A 170 -47.04 29.85 -41.25
C CYS A 170 -46.82 29.24 -39.88
N LEU A 171 -45.57 29.14 -39.43
CA LEU A 171 -45.32 28.77 -38.04
C LEU A 171 -45.46 29.98 -37.14
N PHE A 172 -44.91 31.13 -37.53
CA PHE A 172 -45.07 32.33 -36.71
C PHE A 172 -46.46 32.92 -36.87
N ARG A 173 -47.46 32.08 -36.64
CA ARG A 173 -48.83 32.48 -36.41
C ARG A 173 -49.38 31.55 -35.34
N PRO A 174 -50.59 31.83 -34.81
CA PRO A 174 -51.08 31.08 -33.64
C PRO A 174 -50.88 29.58 -33.67
N LEU A 175 -50.59 29.02 -34.85
CA LEU A 175 -50.22 27.61 -34.94
C LEU A 175 -49.03 27.25 -34.07
N ASN A 176 -48.02 28.11 -33.93
CA ASN A 176 -46.79 27.77 -33.20
C ASN A 176 -47.07 27.35 -31.77
N LYS A 177 -47.83 28.16 -31.02
CA LYS A 177 -48.05 27.86 -29.62
C LYS A 177 -49.06 26.73 -29.43
N GLN A 178 -50.09 26.69 -30.27
CA GLN A 178 -51.09 25.63 -30.14
C GLN A 178 -50.48 24.25 -30.44
N VAL A 179 -49.69 24.15 -31.49
CA VAL A 179 -49.08 22.86 -31.86
C VAL A 179 -48.15 22.38 -30.75
N THR A 180 -47.25 23.24 -30.29
CA THR A 180 -46.31 22.82 -29.26
C THR A 180 -47.03 22.49 -27.97
N ASN A 181 -48.06 23.27 -27.61
CA ASN A 181 -48.80 22.99 -26.40
C ASN A 181 -49.51 21.65 -26.50
N ALA A 182 -50.10 21.33 -27.65
CA ALA A 182 -50.76 20.05 -27.79
C ALA A 182 -49.77 18.90 -27.76
N VAL A 183 -48.59 19.07 -28.37
CA VAL A 183 -47.57 18.03 -28.33
C VAL A 183 -47.14 17.77 -26.90
N LEU A 184 -46.92 18.83 -26.12
CA LEU A 184 -46.56 18.66 -24.73
C LEU A 184 -47.69 18.00 -23.94
N LYS A 185 -48.93 18.37 -24.21
CA LYS A 185 -50.05 17.73 -23.53
C LYS A 185 -50.14 16.25 -23.89
N LEU A 186 -49.72 15.89 -25.10
CA LEU A 186 -49.71 14.49 -25.51
C LEU A 186 -48.62 13.73 -24.77
N ILE A 187 -47.41 14.28 -24.73
CA ILE A 187 -46.32 13.65 -24.00
C ILE A 187 -46.62 13.58 -22.51
N GLU A 188 -47.48 14.46 -22.00
CA GLU A 188 -47.86 14.42 -20.60
C GLU A 188 -48.63 13.16 -20.25
N LYS A 189 -48.77 12.24 -21.22
CA LYS A 189 -49.14 10.87 -20.93
C LYS A 189 -47.93 10.00 -20.60
N GLU A 190 -46.85 10.64 -20.12
CA GLU A 190 -45.73 9.91 -19.54
C GLU A 190 -46.22 8.95 -18.47
N ARG A 191 -47.27 9.35 -17.75
CA ARG A 191 -47.74 8.57 -16.60
C ARG A 191 -48.16 7.17 -17.02
N ASN A 192 -49.00 7.08 -18.06
CA ASN A 192 -49.53 5.82 -18.55
C ASN A 192 -50.40 6.11 -19.77
N GLY A 193 -50.80 5.06 -20.46
CA GLY A 193 -51.68 5.21 -21.60
C GLY A 193 -50.90 5.29 -22.89
N GLU A 194 -50.99 4.25 -23.72
CA GLU A 194 -50.24 4.23 -24.96
C GLU A 194 -50.97 5.04 -26.02
N THR A 195 -51.33 6.28 -25.69
CA THR A 195 -52.05 7.16 -26.60
C THR A 195 -51.12 8.06 -27.38
N ILE A 196 -49.80 7.92 -27.21
CA ILE A 196 -48.87 8.77 -27.92
C ILE A 196 -48.61 8.16 -29.29
N ASN A 197 -49.45 8.51 -30.26
CA ASN A 197 -49.30 8.03 -31.63
C ASN A 197 -48.06 8.69 -32.20
N THR A 198 -46.95 7.94 -32.21
CA THR A 198 -45.64 8.54 -32.45
C THR A 198 -45.56 9.23 -33.79
N ARG A 199 -46.45 8.89 -34.73
CA ARG A 199 -46.48 9.60 -36.00
C ARG A 199 -47.11 10.98 -35.85
N LEU A 200 -47.80 11.24 -34.74
CA LEU A 200 -48.34 12.57 -34.49
C LEU A 200 -47.33 13.48 -33.81
N ILE A 201 -46.16 12.98 -33.45
CA ILE A 201 -45.13 13.76 -32.78
C ILE A 201 -43.85 13.84 -33.60
N SER A 202 -43.44 12.73 -34.21
CA SER A 202 -42.25 12.77 -35.05
C SER A 202 -42.43 13.71 -36.23
N GLY A 203 -43.65 13.81 -36.76
CA GLY A 203 -43.88 14.73 -37.85
C GLY A 203 -43.65 16.18 -37.45
N VAL A 204 -44.20 16.57 -36.30
CA VAL A 204 -44.01 17.93 -35.81
C VAL A 204 -42.54 18.20 -35.54
N VAL A 205 -41.84 17.26 -34.90
CA VAL A 205 -40.44 17.47 -34.56
C VAL A 205 -39.61 17.62 -35.84
N GLN A 206 -39.87 16.78 -36.83
CA GLN A 206 -39.14 16.89 -38.09
C GLN A 206 -39.46 18.19 -38.80
N SER A 207 -40.70 18.67 -38.70
CA SER A 207 -41.03 19.97 -39.27
C SER A 207 -40.20 21.08 -38.62
N TYR A 208 -40.16 21.11 -37.30
CA TYR A 208 -39.38 22.14 -36.61
C TYR A 208 -37.92 22.08 -37.03
N VAL A 209 -37.34 20.89 -37.01
CA VAL A 209 -35.93 20.77 -37.36
C VAL A 209 -35.68 21.26 -38.77
N GLU A 210 -36.55 20.88 -39.70
CA GLU A 210 -36.35 21.27 -41.09
C GLU A 210 -36.52 22.77 -41.28
N LEU A 211 -37.34 23.42 -40.45
CA LEU A 211 -37.63 24.83 -40.64
C LEU A 211 -36.51 25.76 -40.19
N GLY A 212 -35.36 25.24 -39.79
CA GLY A 212 -34.23 26.09 -39.44
C GLY A 212 -33.82 26.95 -40.61
N LEU A 213 -34.06 28.26 -40.51
CA LEU A 213 -33.99 29.13 -41.68
C LEU A 213 -32.57 29.17 -42.25
N ASN A 214 -32.50 29.16 -43.58
CA ASN A 214 -31.23 29.17 -44.28
C ASN A 214 -31.22 30.12 -45.48
N GLU A 215 -32.06 31.14 -45.50
CA GLU A 215 -32.18 32.01 -46.66
C GLU A 215 -30.94 32.88 -46.73
N ASP A 216 -29.90 32.36 -47.38
CA ASP A 216 -28.61 33.04 -47.50
C ASP A 216 -28.03 33.38 -46.13
N ASP A 217 -28.24 32.49 -45.16
CA ASP A 217 -27.59 32.66 -43.86
C ASP A 217 -26.09 32.58 -44.06
N ALA A 218 -25.58 31.39 -44.39
CA ALA A 218 -24.32 31.25 -45.12
C ALA A 218 -24.51 30.46 -46.40
N PHE A 219 -25.03 29.23 -46.28
CA PHE A 219 -25.39 28.35 -47.37
C PHE A 219 -25.90 27.04 -46.76
N ALA A 220 -26.41 26.13 -47.59
CA ALA A 220 -26.86 24.83 -47.09
C ALA A 220 -25.71 24.04 -46.48
N LYS A 221 -25.74 23.84 -45.16
CA LYS A 221 -24.67 23.14 -44.46
C LYS A 221 -25.12 21.81 -43.90
N GLY A 222 -26.17 21.79 -43.08
CA GLY A 222 -26.65 20.57 -42.47
C GLY A 222 -27.84 20.81 -41.58
N PRO A 223 -27.93 20.09 -40.47
CA PRO A 223 -29.06 20.28 -39.56
C PRO A 223 -28.98 21.61 -38.84
N THR A 224 -29.78 22.57 -39.25
CA THR A 224 -29.83 23.89 -38.62
C THR A 224 -31.02 23.85 -37.66
N LEU A 225 -30.73 23.48 -36.42
CA LEU A 225 -31.76 23.23 -35.42
C LEU A 225 -31.96 24.41 -34.47
N THR A 226 -31.81 25.64 -34.99
CA THR A 226 -32.09 26.82 -34.20
C THR A 226 -33.55 26.87 -33.78
N VAL A 227 -34.47 26.69 -34.74
CA VAL A 227 -35.89 26.78 -34.43
C VAL A 227 -36.29 25.69 -33.45
N TYR A 228 -35.78 24.47 -33.65
CA TYR A 228 -36.04 23.39 -32.71
C TYR A 228 -35.62 23.78 -31.30
N LYS A 229 -34.38 24.24 -31.16
CA LYS A 229 -33.85 24.59 -29.84
C LYS A 229 -34.66 25.69 -29.18
N GLU A 230 -34.97 26.75 -29.91
CA GLU A 230 -35.54 27.95 -29.33
C GLU A 230 -37.06 27.94 -29.27
N SER A 231 -37.73 26.95 -29.87
CA SER A 231 -39.18 26.92 -29.86
C SER A 231 -39.77 25.64 -29.32
N PHE A 232 -39.05 24.53 -29.31
CA PHE A 232 -39.65 23.34 -28.73
C PHE A 232 -38.84 22.76 -27.59
N GLU A 233 -37.52 22.70 -27.72
CA GLU A 233 -36.74 22.02 -26.70
C GLU A 233 -36.83 22.71 -25.35
N SER A 234 -36.86 24.05 -25.34
CA SER A 234 -36.88 24.78 -24.09
C SER A 234 -38.15 24.47 -23.29
N GLN A 235 -39.31 24.54 -23.94
CA GLN A 235 -40.56 24.26 -23.23
C GLN A 235 -40.62 22.81 -22.78
N PHE A 236 -40.17 21.88 -23.63
CA PHE A 236 -40.17 20.48 -23.25
C PHE A 236 -39.31 20.24 -22.03
N LEU A 237 -38.11 20.85 -22.01
CA LEU A 237 -37.21 20.66 -20.89
C LEU A 237 -37.79 21.25 -19.60
N ALA A 238 -38.38 22.44 -19.70
CA ALA A 238 -38.97 23.06 -18.51
C ALA A 238 -40.12 22.22 -17.97
N ASP A 239 -40.99 21.74 -18.86
CA ASP A 239 -42.13 20.95 -18.41
C ASP A 239 -41.67 19.62 -17.81
N THR A 240 -40.62 19.02 -18.38
CA THR A 240 -40.08 17.80 -17.79
C THR A 240 -39.58 18.06 -16.38
N GLU A 241 -38.86 19.17 -16.19
CA GLU A 241 -38.38 19.52 -14.85
C GLU A 241 -39.54 19.66 -13.89
N ARG A 242 -40.59 20.39 -14.28
CA ARG A 242 -41.73 20.60 -13.39
C ARG A 242 -42.42 19.29 -13.04
N PHE A 243 -42.68 18.46 -14.05
CA PHE A 243 -43.40 17.21 -13.80
C PHE A 243 -42.62 16.29 -12.88
N TYR A 244 -41.32 16.15 -13.11
CA TYR A 244 -40.54 15.26 -12.26
C TYR A 244 -40.40 15.84 -10.86
N THR A 245 -40.25 17.16 -10.75
CA THR A 245 -40.17 17.77 -9.43
C THR A 245 -41.42 17.50 -8.62
N ARG A 246 -42.59 17.54 -9.26
CA ARG A 246 -43.82 17.26 -8.54
C ARG A 246 -43.93 15.78 -8.16
N GLU A 247 -43.81 14.89 -9.14
CA GLU A 247 -44.11 13.49 -8.89
C GLU A 247 -43.07 12.82 -8.00
N SER A 248 -41.80 13.23 -8.09
CA SER A 248 -40.78 12.62 -7.25
C SER A 248 -41.10 12.83 -5.78
N THR A 249 -41.43 14.06 -5.40
CA THR A 249 -41.77 14.33 -4.00
C THR A 249 -43.10 13.71 -3.62
N GLU A 250 -44.07 13.71 -4.53
CA GLU A 250 -45.36 13.09 -4.21
C GLU A 250 -45.18 11.61 -3.88
N PHE A 251 -44.30 10.93 -4.62
CA PHE A 251 -44.03 9.52 -4.32
C PHE A 251 -43.17 9.38 -3.06
N LEU A 252 -42.15 10.22 -2.92
CA LEU A 252 -41.22 10.08 -1.82
C LEU A 252 -41.89 10.37 -0.48
N GLN A 253 -43.01 11.05 -0.51
CA GLN A 253 -43.71 11.34 0.74
C GLN A 253 -44.54 10.17 1.25
N GLN A 254 -44.67 9.06 0.52
CA GLN A 254 -45.59 8.01 0.91
C GLN A 254 -44.96 6.63 1.12
N ASN A 255 -43.77 6.39 0.58
CA ASN A 255 -43.24 5.04 0.49
C ASN A 255 -41.78 5.02 0.94
N PRO A 256 -41.26 3.84 1.30
CA PRO A 256 -39.83 3.73 1.57
C PRO A 256 -39.01 4.06 0.32
N VAL A 257 -37.80 4.57 0.54
CA VAL A 257 -37.01 5.14 -0.55
C VAL A 257 -36.48 4.09 -1.50
N THR A 258 -36.51 2.81 -1.12
CA THR A 258 -36.06 1.76 -2.04
C THR A 258 -36.94 1.71 -3.29
N GLU A 259 -38.26 1.83 -3.08
CA GLU A 259 -39.17 1.85 -4.22
C GLU A 259 -38.95 3.09 -5.07
N TYR A 260 -38.73 4.25 -4.43
CA TYR A 260 -38.39 5.44 -5.20
C TYR A 260 -37.14 5.23 -6.02
N MET A 261 -36.18 4.49 -5.47
CA MET A 261 -34.94 4.20 -6.18
C MET A 261 -35.21 3.40 -7.44
N LYS A 262 -36.02 2.34 -7.30
CA LYS A 262 -36.42 1.55 -8.46
C LYS A 262 -37.12 2.42 -9.51
N LYS A 263 -38.06 3.25 -9.05
CA LYS A 263 -38.82 4.09 -9.96
C LYS A 263 -37.94 5.08 -10.69
N ALA A 264 -36.98 5.68 -9.98
CA ALA A 264 -36.07 6.64 -10.62
C ALA A 264 -35.23 5.98 -11.68
N GLU A 265 -34.74 4.77 -11.41
CA GLU A 265 -33.97 4.06 -12.43
C GLU A 265 -34.85 3.76 -13.64
N ALA A 266 -36.09 3.35 -13.39
CA ALA A 266 -37.01 3.08 -14.49
C ALA A 266 -37.29 4.31 -15.32
N ARG A 267 -37.51 5.45 -14.66
CA ARG A 267 -37.80 6.68 -15.38
C ARG A 267 -36.61 7.14 -16.21
N LEU A 268 -35.40 7.03 -15.66
CA LEU A 268 -34.23 7.37 -16.45
C LEU A 268 -34.13 6.52 -17.70
N LEU A 269 -34.38 5.22 -17.55
CA LEU A 269 -34.36 4.34 -18.72
C LEU A 269 -35.42 4.75 -19.74
N GLU A 270 -36.62 5.08 -19.24
CA GLU A 270 -37.70 5.49 -20.12
C GLU A 270 -37.35 6.73 -20.91
N GLU A 271 -36.80 7.74 -20.24
CA GLU A 271 -36.49 9.00 -20.91
C GLU A 271 -35.30 8.87 -21.84
N GLN A 272 -34.40 7.93 -21.58
CA GLN A 272 -33.41 7.62 -22.60
C GLN A 272 -34.07 6.98 -23.82
N ARG A 273 -35.05 6.13 -23.59
CA ARG A 273 -35.72 5.46 -24.71
C ARG A 273 -36.51 6.43 -25.56
N ARG A 274 -37.15 7.41 -24.93
CA ARG A 274 -38.07 8.30 -25.63
C ARG A 274 -37.38 9.09 -26.74
N VAL A 275 -36.19 9.61 -26.47
CA VAL A 275 -35.47 10.39 -27.46
C VAL A 275 -35.08 9.57 -28.69
N GLN A 276 -35.25 8.26 -28.63
CA GLN A 276 -34.95 7.43 -29.79
C GLN A 276 -36.17 7.15 -30.66
N VAL A 277 -37.36 7.58 -30.25
CA VAL A 277 -38.56 7.38 -31.05
C VAL A 277 -39.30 8.67 -31.37
N TYR A 278 -39.12 9.74 -30.62
CA TYR A 278 -39.89 10.95 -30.84
C TYR A 278 -39.02 12.09 -31.34
N LEU A 279 -38.02 12.47 -30.57
CA LEU A 279 -37.34 13.75 -30.69
C LEU A 279 -36.14 13.62 -31.62
N HIS A 280 -35.28 14.63 -31.58
CA HIS A 280 -34.05 14.64 -32.33
C HIS A 280 -32.91 14.14 -31.46
N GLU A 281 -31.85 13.64 -32.11
CA GLU A 281 -30.79 12.97 -31.37
C GLU A 281 -30.04 13.92 -30.45
N SER A 282 -29.85 15.18 -30.85
CA SER A 282 -29.09 16.10 -30.03
C SER A 282 -29.94 16.68 -28.93
N THR A 283 -30.62 15.82 -28.19
CA THR A 283 -31.32 16.17 -26.97
C THR A 283 -31.07 15.13 -25.90
N GLN A 284 -30.40 14.03 -26.22
CA GLN A 284 -30.19 12.94 -25.29
C GLN A 284 -29.39 13.39 -24.08
N ASP A 285 -28.25 14.04 -24.32
CA ASP A 285 -27.38 14.43 -23.21
C ASP A 285 -28.06 15.47 -22.31
N GLU A 286 -28.72 16.45 -22.92
CA GLU A 286 -29.32 17.53 -22.13
C GLU A 286 -30.51 17.02 -21.32
N LEU A 287 -31.35 16.19 -21.93
CA LEU A 287 -32.47 15.62 -21.19
C LEU A 287 -31.98 14.70 -20.09
N ALA A 288 -30.91 13.94 -20.34
CA ALA A 288 -30.33 13.12 -19.30
C ALA A 288 -29.84 13.98 -18.15
N ARG A 289 -29.20 15.10 -18.44
CA ARG A 289 -28.71 15.97 -17.36
C ARG A 289 -29.86 16.54 -16.56
N LYS A 290 -30.93 16.98 -17.23
CA LYS A 290 -32.06 17.54 -16.49
C LYS A 290 -32.73 16.50 -15.61
N CYS A 291 -32.92 15.28 -16.14
CA CYS A 291 -33.52 14.24 -15.32
C CYS A 291 -32.61 13.83 -14.17
N GLU A 292 -31.30 13.84 -14.39
CA GLU A 292 -30.36 13.51 -13.32
C GLU A 292 -30.34 14.61 -12.26
N GLN A 293 -30.62 15.84 -12.65
CA GLN A 293 -30.69 16.92 -11.66
C GLN A 293 -31.98 16.88 -10.87
N VAL A 294 -33.07 16.42 -11.48
CA VAL A 294 -34.37 16.49 -10.79
C VAL A 294 -34.64 15.24 -9.98
N LEU A 295 -34.44 14.05 -10.55
CA LEU A 295 -34.76 12.82 -9.80
C LEU A 295 -33.74 12.55 -8.70
N ILE A 296 -32.46 12.70 -9.02
CA ILE A 296 -31.38 12.60 -8.05
C ILE A 296 -30.67 13.95 -8.08
N GLU A 297 -29.57 14.08 -7.35
CA GLU A 297 -28.83 15.33 -7.20
C GLU A 297 -29.64 16.37 -6.42
N LYS A 298 -30.86 16.04 -6.01
CA LYS A 298 -31.65 16.91 -5.15
C LYS A 298 -32.31 16.12 -4.02
N HIS A 299 -31.80 14.92 -3.73
CA HIS A 299 -32.25 14.16 -2.57
C HIS A 299 -31.09 13.45 -1.89
N LEU A 300 -29.88 13.99 -2.03
CA LEU A 300 -28.70 13.31 -1.49
C LEU A 300 -28.80 13.10 0.02
N GLU A 301 -29.54 13.96 0.72
CA GLU A 301 -29.67 13.77 2.16
C GLU A 301 -30.38 12.46 2.47
N ILE A 302 -31.50 12.20 1.80
CA ILE A 302 -32.23 10.99 2.07
C ILE A 302 -31.48 9.78 1.53
N PHE A 303 -30.71 9.95 0.45
CA PHE A 303 -29.84 8.87 0.01
C PHE A 303 -28.80 8.51 1.06
N HIS A 304 -28.17 9.51 1.67
CA HIS A 304 -27.15 9.21 2.67
C HIS A 304 -27.77 8.52 3.87
N THR A 305 -28.92 9.01 4.33
CA THR A 305 -29.58 8.37 5.46
C THR A 305 -29.95 6.91 5.15
N GLU A 306 -30.50 6.67 3.96
CA GLU A 306 -30.83 5.30 3.59
C GLU A 306 -29.59 4.45 3.41
N PHE A 307 -28.50 5.03 2.91
CA PHE A 307 -27.26 4.28 2.77
C PHE A 307 -26.80 3.76 4.12
N GLN A 308 -26.80 4.62 5.13
CA GLN A 308 -26.40 4.17 6.46
C GLN A 308 -27.35 3.10 6.98
N ASN A 309 -28.66 3.30 6.82
CA ASN A 309 -29.61 2.32 7.36
C ASN A 309 -29.59 1.01 6.57
N LEU A 310 -29.13 1.06 5.33
CA LEU A 310 -28.95 -0.17 4.56
C LEU A 310 -27.72 -0.92 5.02
N LEU A 311 -26.62 -0.21 5.25
CA LEU A 311 -25.40 -0.87 5.71
C LEU A 311 -25.62 -1.52 7.07
N ASP A 312 -26.44 -0.90 7.93
CA ASP A 312 -26.74 -1.54 9.20
C ASP A 312 -27.52 -2.83 8.99
N ALA A 313 -28.26 -2.93 7.90
CA ALA A 313 -28.82 -4.21 7.47
C ALA A 313 -27.83 -4.85 6.49
N ASP A 314 -28.26 -5.89 5.78
CA ASP A 314 -27.31 -6.63 4.95
C ASP A 314 -27.75 -6.71 3.49
N LYS A 315 -28.53 -5.74 3.04
CA LYS A 315 -29.09 -5.78 1.68
C LYS A 315 -28.01 -5.35 0.69
N ASN A 316 -27.42 -6.32 0.01
CA ASN A 316 -26.30 -6.08 -0.90
C ASN A 316 -26.74 -5.93 -2.36
N GLU A 317 -28.04 -5.95 -2.63
CA GLU A 317 -28.54 -5.87 -3.99
C GLU A 317 -28.98 -4.47 -4.38
N ASP A 318 -29.48 -3.68 -3.42
CA ASP A 318 -29.87 -2.32 -3.75
C ASP A 318 -28.76 -1.32 -3.40
N LEU A 319 -27.75 -1.75 -2.65
CA LEU A 319 -26.55 -0.94 -2.50
C LEU A 319 -25.89 -0.73 -3.86
N GLY A 320 -25.91 -1.76 -4.70
CA GLY A 320 -25.45 -1.59 -6.07
C GLY A 320 -26.28 -0.57 -6.82
N ARG A 321 -27.60 -0.59 -6.61
CA ARG A 321 -28.47 0.41 -7.23
C ARG A 321 -28.08 1.81 -6.80
N MET A 322 -27.84 2.02 -5.51
CA MET A 322 -27.50 3.36 -5.04
C MET A 322 -26.13 3.78 -5.56
N TYR A 323 -25.19 2.85 -5.67
CA TYR A 323 -23.92 3.20 -6.27
C TYR A 323 -24.11 3.67 -7.70
N ASN A 324 -24.91 2.95 -8.48
CA ASN A 324 -25.17 3.39 -9.85
C ASN A 324 -25.77 4.78 -9.89
N LEU A 325 -26.85 4.97 -9.13
CA LEU A 325 -27.57 6.24 -9.15
C LEU A 325 -26.66 7.40 -8.77
N VAL A 326 -25.98 7.30 -7.64
CA VAL A 326 -25.17 8.41 -7.19
C VAL A 326 -23.97 8.63 -8.09
N SER A 327 -23.36 7.55 -8.60
CA SER A 327 -22.21 7.73 -9.48
C SER A 327 -22.58 8.40 -10.78
N ARG A 328 -23.87 8.37 -11.16
CA ARG A 328 -24.26 9.08 -12.39
C ARG A 328 -23.97 10.58 -12.33
N ILE A 329 -23.89 11.17 -11.14
CA ILE A 329 -23.71 12.62 -11.02
C ILE A 329 -22.28 12.95 -10.63
N GLN A 330 -21.94 14.23 -10.64
CA GLN A 330 -20.55 14.65 -10.44
C GLN A 330 -20.19 14.68 -8.96
N ASP A 331 -19.24 13.84 -8.58
CA ASP A 331 -18.66 13.81 -7.23
C ASP A 331 -19.73 13.68 -6.15
N GLY A 332 -20.70 12.80 -6.35
CA GLY A 332 -21.66 12.52 -5.29
C GLY A 332 -21.22 11.41 -4.38
N LEU A 333 -20.07 10.79 -4.68
CA LEU A 333 -19.58 9.68 -3.86
C LEU A 333 -18.77 10.17 -2.67
N GLY A 334 -18.69 11.48 -2.45
CA GLY A 334 -17.86 11.98 -1.37
C GLY A 334 -18.27 11.49 0.00
N GLU A 335 -19.56 11.53 0.30
CA GLU A 335 -20.00 11.10 1.61
C GLU A 335 -20.12 9.58 1.71
N LEU A 336 -20.28 8.90 0.58
CA LEU A 336 -20.42 7.45 0.62
C LEU A 336 -19.14 6.78 1.09
N LYS A 337 -17.99 7.22 0.58
CA LYS A 337 -16.74 6.58 0.97
C LYS A 337 -16.46 6.76 2.45
N LYS A 338 -16.62 7.98 2.96
CA LYS A 338 -16.38 8.21 4.38
C LYS A 338 -17.36 7.42 5.24
N LEU A 339 -18.63 7.36 4.82
CA LEU A 339 -19.61 6.65 5.62
C LEU A 339 -19.33 5.16 5.64
N LEU A 340 -18.92 4.59 4.50
CA LEU A 340 -18.56 3.18 4.43
C LEU A 340 -17.35 2.90 5.31
N GLU A 341 -16.33 3.76 5.23
CA GLU A 341 -15.14 3.60 6.06
C GLU A 341 -15.50 3.58 7.54
N THR A 342 -16.31 4.53 7.99
CA THR A 342 -16.69 4.57 9.40
C THR A 342 -17.44 3.32 9.79
N HIS A 343 -18.38 2.88 8.95
CA HIS A 343 -19.16 1.70 9.32
C HIS A 343 -18.30 0.46 9.42
N ILE A 344 -17.41 0.24 8.45
CA ILE A 344 -16.60 -0.98 8.47
C ILE A 344 -15.59 -0.94 9.62
N HIS A 345 -15.04 0.23 9.92
CA HIS A 345 -14.20 0.37 11.10
C HIS A 345 -14.95 -0.06 12.36
N ASN A 346 -16.13 0.51 12.59
CA ASN A 346 -16.87 0.18 13.81
C ASN A 346 -17.27 -1.28 13.83
N GLN A 347 -17.64 -1.83 12.67
CA GLN A 347 -18.01 -3.24 12.61
C GLN A 347 -16.86 -4.12 13.05
N GLY A 348 -15.67 -3.91 12.48
CA GLY A 348 -14.54 -4.75 12.84
C GLY A 348 -14.14 -4.62 14.29
N LEU A 349 -14.13 -3.38 14.80
CA LEU A 349 -13.73 -3.15 16.17
C LEU A 349 -14.68 -3.83 17.14
N ALA A 350 -15.99 -3.59 16.97
CA ALA A 350 -16.96 -4.24 17.85
C ALA A 350 -17.04 -5.74 17.59
N ALA A 351 -16.56 -6.20 16.45
CA ALA A 351 -16.57 -7.63 16.16
C ALA A 351 -15.50 -8.35 16.95
N ILE A 352 -14.29 -7.78 17.03
CA ILE A 352 -13.28 -8.44 17.85
C ILE A 352 -13.42 -8.07 19.32
N GLU A 353 -14.29 -7.10 19.64
CA GLU A 353 -14.63 -6.88 21.04
C GLU A 353 -15.32 -8.09 21.65
N LYS A 354 -16.04 -8.86 20.84
CA LYS A 354 -16.80 -9.99 21.37
C LYS A 354 -15.90 -11.05 21.98
N CYS A 355 -14.74 -11.32 21.37
CA CYS A 355 -13.83 -12.32 21.92
C CYS A 355 -13.37 -11.93 23.32
N GLY A 356 -13.02 -10.67 23.51
CA GLY A 356 -12.70 -10.18 24.84
C GLY A 356 -11.44 -10.81 25.40
N GLU A 357 -11.58 -11.45 26.55
CA GLU A 357 -10.42 -11.97 27.26
C GLU A 357 -9.88 -13.24 26.63
N ALA A 358 -10.71 -14.00 25.93
CA ALA A 358 -10.25 -15.27 25.39
C ALA A 358 -9.28 -15.09 24.23
N ALA A 359 -9.32 -13.92 23.58
CA ALA A 359 -8.46 -13.71 22.43
C ALA A 359 -7.02 -13.46 22.84
N LEU A 360 -6.82 -12.87 24.01
CA LEU A 360 -5.48 -12.45 24.43
C LEU A 360 -4.54 -13.62 24.64
N ASN A 361 -5.05 -14.85 24.70
CA ASN A 361 -4.17 -16.02 24.83
C ASN A 361 -4.40 -17.04 23.74
N ASP A 362 -5.13 -16.70 22.67
CA ASP A 362 -5.38 -17.62 21.56
C ASP A 362 -5.22 -16.85 20.26
N PRO A 363 -4.08 -17.00 19.59
CA PRO A 363 -3.89 -16.30 18.31
C PRO A 363 -4.90 -16.72 17.26
N LYS A 364 -5.30 -17.99 17.28
CA LYS A 364 -6.18 -18.52 16.25
C LYS A 364 -7.47 -17.72 16.16
N MET A 365 -8.13 -17.52 17.30
CA MET A 365 -9.43 -16.83 17.29
C MET A 365 -9.28 -15.38 16.83
N TYR A 366 -8.24 -14.70 17.31
CA TYR A 366 -8.04 -13.30 16.97
C TYR A 366 -7.82 -13.12 15.47
N VAL A 367 -6.87 -13.86 14.91
CA VAL A 367 -6.59 -13.72 13.48
C VAL A 367 -7.78 -14.17 12.66
N GLN A 368 -8.50 -15.19 13.13
CA GLN A 368 -9.68 -15.64 12.41
C GLN A 368 -10.74 -14.56 12.36
N THR A 369 -10.97 -13.86 13.47
CA THR A 369 -11.99 -12.81 13.49
C THR A 369 -11.62 -11.67 12.54
N VAL A 370 -10.36 -11.25 12.58
CA VAL A 370 -9.92 -10.18 11.68
C VAL A 370 -10.13 -10.60 10.24
N LEU A 371 -9.74 -11.83 9.91
CA LEU A 371 -9.88 -12.30 8.54
C LEU A 371 -11.34 -12.40 8.12
N ASP A 372 -12.23 -12.77 9.06
CA ASP A 372 -13.64 -12.89 8.73
C ASP A 372 -14.23 -11.53 8.36
N VAL A 373 -13.95 -10.50 9.15
CA VAL A 373 -14.48 -9.18 8.84
C VAL A 373 -13.95 -8.69 7.50
N HIS A 374 -12.63 -8.82 7.30
CA HIS A 374 -12.05 -8.37 6.05
C HIS A 374 -12.65 -9.11 4.87
N LYS A 375 -12.87 -10.42 5.02
CA LYS A 375 -13.41 -11.20 3.91
C LYS A 375 -14.81 -10.77 3.56
N LYS A 376 -15.68 -10.58 4.56
CA LYS A 376 -17.05 -10.18 4.25
C LYS A 376 -17.09 -8.84 3.53
N TYR A 377 -16.36 -7.85 4.04
CA TYR A 377 -16.53 -6.54 3.43
C TYR A 377 -15.77 -6.42 2.11
N ASN A 378 -14.71 -7.19 1.90
CA ASN A 378 -14.12 -7.24 0.58
C ASN A 378 -15.07 -7.89 -0.41
N ALA A 379 -15.80 -8.92 0.02
CA ALA A 379 -16.78 -9.54 -0.86
C ALA A 379 -17.88 -8.56 -1.24
N LEU A 380 -18.34 -7.76 -0.28
CA LEU A 380 -19.34 -6.74 -0.59
C LEU A 380 -18.78 -5.69 -1.55
N VAL A 381 -17.56 -5.23 -1.32
CA VAL A 381 -16.96 -4.20 -2.17
C VAL A 381 -16.74 -4.69 -3.60
N MET A 382 -16.40 -5.97 -3.78
CA MET A 382 -16.10 -6.44 -5.13
C MET A 382 -17.33 -6.78 -5.96
N SER A 383 -18.51 -6.90 -5.35
CA SER A 383 -19.73 -7.18 -6.11
C SER A 383 -20.57 -5.93 -6.31
N ALA A 384 -20.99 -5.28 -5.23
CA ALA A 384 -21.87 -4.12 -5.36
C ALA A 384 -21.13 -2.91 -5.92
N PHE A 385 -20.12 -2.42 -5.21
CA PHE A 385 -19.47 -1.16 -5.55
C PHE A 385 -18.42 -1.31 -6.64
N ASN A 386 -18.44 -2.41 -7.38
CA ASN A 386 -17.70 -2.55 -8.64
C ASN A 386 -16.21 -2.30 -8.49
N ASN A 387 -15.61 -2.67 -7.36
CA ASN A 387 -14.16 -2.52 -7.13
C ASN A 387 -13.71 -1.09 -7.38
N ASP A 388 -14.54 -0.13 -7.00
CA ASP A 388 -14.17 1.26 -7.17
C ASP A 388 -12.97 1.57 -6.28
N ALA A 389 -12.02 2.35 -6.83
CA ALA A 389 -10.77 2.59 -6.14
C ALA A 389 -11.00 3.26 -4.79
N GLY A 390 -11.95 4.19 -4.73
CA GLY A 390 -12.22 4.87 -3.48
C GLY A 390 -12.76 3.95 -2.40
N PHE A 391 -13.65 3.03 -2.75
CA PHE A 391 -14.21 2.15 -1.74
C PHE A 391 -13.20 1.12 -1.27
N VAL A 392 -12.34 0.66 -2.18
CA VAL A 392 -11.24 -0.21 -1.78
C VAL A 392 -10.31 0.52 -0.82
N ALA A 393 -10.01 1.78 -1.12
CA ALA A 393 -9.17 2.56 -0.21
C ALA A 393 -9.84 2.73 1.15
N ALA A 394 -11.15 2.93 1.17
CA ALA A 394 -11.85 3.06 2.44
C ALA A 394 -11.76 1.78 3.26
N LEU A 395 -11.93 0.64 2.60
CA LEU A 395 -11.79 -0.64 3.28
C LEU A 395 -10.39 -0.80 3.85
N ASP A 396 -9.37 -0.44 3.05
CA ASP A 396 -7.99 -0.58 3.52
C ASP A 396 -7.72 0.30 4.73
N LYS A 397 -8.16 1.56 4.69
CA LYS A 397 -7.93 2.45 5.82
C LYS A 397 -8.60 1.92 7.08
N ALA A 398 -9.86 1.48 6.97
CA ALA A 398 -10.54 1.00 8.16
C ALA A 398 -9.90 -0.27 8.70
N CYS A 399 -9.47 -1.17 7.81
CA CYS A 399 -8.82 -2.39 8.28
C CYS A 399 -7.53 -2.07 9.02
N GLY A 400 -6.73 -1.15 8.49
CA GLY A 400 -5.54 -0.74 9.23
C GLY A 400 -5.89 -0.20 10.61
N ARG A 401 -6.89 0.68 10.66
CA ARG A 401 -7.25 1.32 11.92
C ARG A 401 -7.71 0.31 12.96
N PHE A 402 -8.54 -0.66 12.56
CA PHE A 402 -9.08 -1.55 13.58
C PHE A 402 -8.23 -2.79 13.80
N ILE A 403 -7.21 -3.03 12.98
CA ILE A 403 -6.23 -4.05 13.33
C ILE A 403 -5.23 -3.51 14.33
N ASN A 404 -4.81 -2.25 14.15
CA ASN A 404 -3.73 -1.72 14.97
C ASN A 404 -4.13 -1.47 16.43
N ASN A 405 -5.25 -0.81 16.67
CA ASN A 405 -5.66 -0.42 18.02
C ASN A 405 -7.07 -0.88 18.28
N ASN A 406 -7.25 -1.73 19.28
CA ASN A 406 -8.56 -2.34 19.51
C ASN A 406 -8.57 -2.87 20.94
N ALA A 407 -9.59 -3.67 21.26
CA ALA A 407 -9.79 -4.11 22.63
C ALA A 407 -8.59 -4.89 23.16
N VAL A 408 -8.02 -5.77 22.33
CA VAL A 408 -6.92 -6.61 22.80
C VAL A 408 -5.67 -5.78 23.05
N THR A 409 -5.34 -4.86 22.15
CA THR A 409 -4.18 -4.00 22.37
C THR A 409 -4.38 -3.09 23.57
N LYS A 410 -5.62 -2.61 23.76
CA LYS A 410 -5.91 -1.79 24.94
C LYS A 410 -5.74 -2.58 26.22
N MET A 411 -6.22 -3.83 26.25
CA MET A 411 -6.10 -4.65 27.45
C MET A 411 -4.64 -4.98 27.75
N ALA A 412 -3.82 -5.12 26.71
CA ALA A 412 -2.41 -5.42 26.90
C ALA A 412 -1.56 -4.18 27.08
N GLN A 413 -2.16 -2.99 27.04
CA GLN A 413 -1.50 -1.73 27.37
C GLN A 413 -0.31 -1.45 26.42
N SER A 414 -0.46 -1.88 25.18
CA SER A 414 0.53 -1.59 24.16
C SER A 414 -0.10 -1.87 22.80
N SER A 415 0.49 -1.28 21.75
CA SER A 415 0.05 -1.51 20.38
C SER A 415 0.95 -2.47 19.63
N SER A 416 1.93 -3.08 20.31
CA SER A 416 2.77 -4.11 19.71
C SER A 416 2.38 -5.49 20.22
N LYS A 417 1.09 -5.70 20.42
CA LYS A 417 0.55 -7.02 20.76
C LYS A 417 -0.02 -7.74 19.56
N SER A 418 -0.57 -7.01 18.58
CA SER A 418 -1.08 -7.66 17.38
C SER A 418 0.02 -8.30 16.54
N PRO A 419 1.15 -7.65 16.24
CA PRO A 419 2.19 -8.38 15.51
C PRO A 419 2.72 -9.59 16.27
N GLU A 420 2.80 -9.51 17.59
CA GLU A 420 3.21 -10.68 18.36
C GLU A 420 2.21 -11.81 18.21
N LEU A 421 0.91 -11.50 18.25
CA LEU A 421 -0.09 -12.55 18.11
C LEU A 421 -0.08 -13.15 16.72
N LEU A 422 0.14 -12.34 15.69
CA LEU A 422 0.24 -12.88 14.35
C LEU A 422 1.45 -13.79 14.22
N ALA A 423 2.59 -13.37 14.77
CA ALA A 423 3.79 -14.20 14.68
C ALA A 423 3.60 -15.50 15.43
N ARG A 424 2.94 -15.47 16.58
CA ARG A 424 2.69 -16.71 17.30
C ARG A 424 1.70 -17.59 16.57
N TYR A 425 0.72 -17.01 15.87
CA TYR A 425 -0.16 -17.82 15.04
C TYR A 425 0.60 -18.54 13.94
N CYS A 426 1.49 -17.81 13.26
CA CYS A 426 2.28 -18.44 12.20
C CYS A 426 3.20 -19.52 12.76
N ASP A 427 3.78 -19.28 13.94
CA ASP A 427 4.56 -20.30 14.63
C ASP A 427 3.71 -21.55 14.86
N SER A 428 2.62 -21.42 15.61
CA SER A 428 1.77 -22.56 15.91
C SER A 428 1.27 -23.23 14.65
N LEU A 429 1.29 -22.54 13.52
CA LEU A 429 0.82 -23.12 12.28
C LEU A 429 1.91 -23.87 11.51
N LEU A 430 3.19 -23.51 11.71
CA LEU A 430 4.27 -24.21 11.00
C LEU A 430 4.98 -25.27 11.84
N LYS A 431 4.63 -25.45 13.12
CA LYS A 431 5.28 -26.48 13.90
C LYS A 431 4.83 -27.86 13.43
N LYS A 432 5.61 -28.88 13.77
CA LYS A 432 5.30 -30.26 13.41
C LYS A 432 4.35 -30.80 14.46
N SER A 433 3.08 -30.90 14.12
CA SER A 433 2.05 -31.30 15.06
C SER A 433 1.65 -32.75 14.81
N SER A 434 0.61 -33.21 15.51
CA SER A 434 0.14 -34.58 15.33
C SER A 434 -0.36 -34.81 13.91
N LYS A 435 -1.25 -33.94 13.44
CA LYS A 435 -1.73 -34.04 12.07
C LYS A 435 -0.61 -33.69 11.08
N ASN A 436 -0.64 -34.36 9.93
CA ASN A 436 0.32 -34.08 8.88
C ASN A 436 -0.34 -33.17 7.85
N PRO A 437 0.05 -31.90 7.76
CA PRO A 437 -0.72 -30.95 6.95
C PRO A 437 -0.62 -31.25 5.46
N GLU A 438 -1.67 -30.87 4.75
CA GLU A 438 -1.71 -30.97 3.30
C GLU A 438 -1.12 -29.71 2.70
N GLU A 439 -0.33 -29.88 1.63
CA GLU A 439 0.46 -28.77 1.10
C GLU A 439 -0.42 -27.62 0.64
N ALA A 440 -1.50 -27.91 -0.08
CA ALA A 440 -2.35 -26.84 -0.61
C ALA A 440 -3.01 -26.06 0.52
N GLU A 441 -3.53 -26.76 1.52
CA GLU A 441 -4.15 -26.08 2.65
C GLU A 441 -3.15 -25.22 3.40
N LEU A 442 -1.96 -25.76 3.64
CA LEU A 442 -0.93 -24.98 4.33
C LEU A 442 -0.57 -23.74 3.54
N GLU A 443 -0.39 -23.88 2.23
CA GLU A 443 -0.03 -22.73 1.40
C GLU A 443 -1.12 -21.67 1.43
N ASP A 444 -2.38 -22.09 1.37
CA ASP A 444 -3.48 -21.13 1.41
C ASP A 444 -3.48 -20.37 2.74
N THR A 445 -3.26 -21.10 3.83
CA THR A 445 -3.31 -20.42 5.12
C THR A 445 -2.15 -19.43 5.27
N LEU A 446 -0.98 -19.78 4.76
CA LEU A 446 0.12 -18.82 4.76
C LEU A 446 -0.24 -17.59 3.93
N ASN A 447 -0.92 -17.80 2.80
CA ASN A 447 -1.35 -16.67 2.00
C ASN A 447 -2.26 -15.73 2.78
N GLN A 448 -3.17 -16.27 3.59
CA GLN A 448 -4.04 -15.41 4.37
C GLN A 448 -3.27 -14.66 5.47
N VAL A 449 -2.33 -15.35 6.12
CA VAL A 449 -1.50 -14.68 7.10
C VAL A 449 -0.79 -13.51 6.48
N MET A 450 -0.41 -13.62 5.20
CA MET A 450 0.28 -12.52 4.54
C MET A 450 -0.59 -11.27 4.41
N VAL A 451 -1.89 -11.45 4.16
CA VAL A 451 -2.78 -10.29 4.11
C VAL A 451 -2.81 -9.60 5.47
N VAL A 452 -3.11 -10.38 6.51
CA VAL A 452 -3.25 -9.73 7.81
C VAL A 452 -1.93 -9.09 8.21
N PHE A 453 -0.81 -9.64 7.73
CA PHE A 453 0.50 -9.02 7.97
C PHE A 453 0.61 -7.70 7.24
N LYS A 454 0.21 -7.66 5.96
CA LYS A 454 0.40 -6.43 5.21
C LYS A 454 -0.41 -5.29 5.78
N TYR A 455 -1.38 -5.56 6.64
CA TYR A 455 -2.09 -4.42 7.24
C TYR A 455 -1.43 -3.82 8.47
N ILE A 456 -0.37 -4.40 9.02
CA ILE A 456 0.27 -3.80 10.19
C ILE A 456 1.42 -2.89 9.75
N GLU A 457 1.83 -1.97 10.64
CA GLU A 457 2.76 -0.92 10.24
C GLU A 457 4.13 -1.01 10.90
N ASP A 458 4.23 -1.55 12.12
CA ASP A 458 5.50 -1.73 12.80
C ASP A 458 5.97 -3.14 12.45
N LYS A 459 6.42 -3.31 11.21
CA LYS A 459 6.81 -4.60 10.69
C LYS A 459 8.18 -5.03 11.16
N ASP A 460 8.75 -4.35 12.14
CA ASP A 460 10.02 -4.75 12.76
C ASP A 460 9.83 -5.65 13.97
N VAL A 461 8.86 -5.33 14.82
CA VAL A 461 8.52 -6.20 15.93
C VAL A 461 8.16 -7.59 15.42
N PHE A 462 7.41 -7.65 14.33
CA PHE A 462 7.07 -8.94 13.73
C PHE A 462 8.33 -9.67 13.32
N GLN A 463 9.31 -8.96 12.74
CA GLN A 463 10.53 -9.65 12.34
C GLN A 463 11.28 -10.21 13.54
N LYS A 464 11.37 -9.45 14.62
CA LYS A 464 12.07 -9.97 15.80
C LYS A 464 11.39 -11.22 16.32
N PHE A 465 10.07 -11.19 16.46
CA PHE A 465 9.38 -12.35 16.99
C PHE A 465 9.50 -13.55 16.06
N TYR A 466 9.36 -13.33 14.76
CA TYR A 466 9.46 -14.43 13.82
C TYR A 466 10.87 -15.02 13.81
N ALA A 467 11.89 -14.17 13.90
CA ALA A 467 13.26 -14.68 13.93
C ALA A 467 13.49 -15.54 15.16
N LYS A 468 13.02 -15.08 16.32
CA LYS A 468 13.20 -15.88 17.53
C LYS A 468 12.52 -17.24 17.42
N MET A 469 11.26 -17.24 16.97
CA MET A 469 10.52 -18.51 16.91
C MET A 469 11.09 -19.44 15.85
N LEU A 470 11.51 -18.90 14.71
CA LEU A 470 12.14 -19.73 13.69
C LEU A 470 13.46 -20.29 14.19
N ALA A 471 14.20 -19.52 14.99
CA ALA A 471 15.43 -20.03 15.56
C ALA A 471 15.16 -21.25 16.44
N LYS A 472 14.19 -21.13 17.35
CA LYS A 472 13.86 -22.29 18.19
C LYS A 472 13.42 -23.47 17.35
N ARG A 473 12.52 -23.24 16.40
CA ARG A 473 11.95 -24.28 15.58
C ARG A 473 12.98 -24.97 14.69
N LEU A 474 14.03 -24.27 14.29
CA LEU A 474 15.07 -24.89 13.47
C LEU A 474 16.09 -25.62 14.33
N VAL A 475 16.48 -25.03 15.46
CA VAL A 475 17.48 -25.68 16.31
C VAL A 475 16.97 -27.00 16.84
N HIS A 476 15.73 -27.02 17.33
CA HIS A 476 15.25 -28.24 17.98
C HIS A 476 14.77 -29.30 17.00
N GLN A 477 15.13 -29.20 15.72
CA GLN A 477 14.82 -30.20 14.71
C GLN A 477 13.32 -30.44 14.56
N ASN A 478 12.51 -29.49 14.99
CA ASN A 478 11.05 -29.66 15.10
C ASN A 478 10.38 -28.68 14.15
N SER A 479 10.24 -29.06 12.90
CA SER A 479 9.61 -28.21 11.90
C SER A 479 8.77 -29.09 10.97
N ALA A 480 7.73 -28.48 10.40
CA ALA A 480 6.79 -29.25 9.60
C ALA A 480 7.33 -29.52 8.20
N SER A 481 7.60 -28.46 7.44
CA SER A 481 8.00 -28.64 6.05
C SER A 481 9.01 -27.57 5.66
N ASP A 482 10.20 -28.01 5.26
CA ASP A 482 11.20 -27.08 4.74
C ASP A 482 10.64 -26.28 3.58
N ASP A 483 9.78 -26.89 2.78
CA ASP A 483 9.11 -26.18 1.71
C ASP A 483 8.27 -25.03 2.25
N ALA A 484 7.53 -25.28 3.33
CA ALA A 484 6.71 -24.24 3.93
C ALA A 484 7.58 -23.12 4.48
N GLU A 485 8.66 -23.46 5.19
CA GLU A 485 9.52 -22.43 5.75
C GLU A 485 10.12 -21.58 4.64
N ALA A 486 10.62 -22.21 3.59
CA ALA A 486 11.20 -21.45 2.48
C ALA A 486 10.17 -20.56 1.81
N SER A 487 8.95 -21.06 1.62
CA SER A 487 7.93 -20.26 0.97
C SER A 487 7.56 -19.05 1.82
N MET A 488 7.42 -19.24 3.14
CA MET A 488 7.10 -18.12 4.01
C MET A 488 8.18 -17.06 3.98
N ILE A 489 9.44 -17.48 4.07
CA ILE A 489 10.53 -16.50 4.00
C ILE A 489 10.51 -15.79 2.66
N SER A 490 10.23 -16.53 1.58
CA SER A 490 10.23 -15.93 0.25
C SER A 490 9.16 -14.87 0.12
N LYS A 491 7.96 -15.12 0.62
CA LYS A 491 6.92 -14.10 0.46
C LYS A 491 7.09 -12.95 1.44
N LEU A 492 7.68 -13.17 2.62
CA LEU A 492 8.08 -12.03 3.45
C LEU A 492 9.07 -11.15 2.70
N LYS A 493 10.05 -11.76 2.05
CA LYS A 493 11.04 -10.99 1.29
C LYS A 493 10.39 -10.24 0.13
N GLN A 494 9.46 -10.90 -0.57
CA GLN A 494 8.80 -10.25 -1.70
C GLN A 494 7.93 -9.10 -1.25
N ALA A 495 7.36 -9.16 -0.05
CA ALA A 495 6.51 -8.08 0.41
C ALA A 495 7.25 -7.02 1.22
N CYS A 496 8.51 -7.24 1.61
CA CYS A 496 9.22 -6.23 2.37
C CYS A 496 10.69 -6.03 2.00
N GLY A 497 11.15 -6.56 0.89
CA GLY A 497 12.48 -6.26 0.40
C GLY A 497 13.54 -7.26 0.84
N PHE A 498 14.74 -7.11 0.28
CA PHE A 498 15.85 -8.00 0.58
C PHE A 498 16.48 -7.71 1.93
N GLU A 499 16.50 -6.46 2.36
CA GLU A 499 17.16 -6.12 3.62
C GLU A 499 16.35 -6.63 4.80
N TYR A 500 15.05 -6.79 4.62
CA TYR A 500 14.18 -7.25 5.71
C TYR A 500 14.52 -8.66 6.14
N THR A 501 14.74 -9.55 5.19
CA THR A 501 14.85 -10.99 5.46
C THR A 501 16.23 -11.53 5.16
N SER A 502 17.27 -10.80 5.57
CA SER A 502 18.63 -11.33 5.40
C SER A 502 18.97 -12.32 6.51
N LYS A 503 18.65 -11.97 7.75
CA LYS A 503 18.98 -12.84 8.86
C LYS A 503 18.29 -14.19 8.73
N LEU A 504 17.03 -14.19 8.31
CA LEU A 504 16.31 -15.46 8.17
C LEU A 504 16.91 -16.33 7.07
N GLN A 505 17.27 -15.73 5.94
CA GLN A 505 17.89 -16.51 4.87
C GLN A 505 19.21 -17.11 5.33
N ARG A 506 20.02 -16.34 6.07
CA ARG A 506 21.26 -16.89 6.59
C ARG A 506 20.98 -18.00 7.59
N MET A 507 20.00 -17.79 8.47
CA MET A 507 19.63 -18.80 9.46
C MET A 507 19.18 -20.11 8.82
N PHE A 508 18.61 -20.04 7.62
CA PHE A 508 18.18 -21.23 6.90
C PHE A 508 19.35 -21.92 6.18
N GLN A 509 20.10 -21.16 5.39
CA GLN A 509 21.23 -21.74 4.68
C GLN A 509 22.25 -22.31 5.64
N ASP A 510 22.30 -21.80 6.88
CA ASP A 510 23.24 -22.32 7.84
C ASP A 510 22.90 -23.73 8.27
N ILE A 511 21.61 -24.03 8.50
CA ILE A 511 21.22 -25.39 8.82
C ILE A 511 21.45 -26.30 7.62
N GLY A 512 21.23 -25.78 6.41
CA GLY A 512 21.55 -26.56 5.22
C GLY A 512 23.02 -26.96 5.17
N VAL A 513 23.91 -25.99 5.40
CA VAL A 513 25.35 -26.25 5.36
C VAL A 513 25.77 -27.19 6.49
N SER A 514 25.13 -27.06 7.66
CA SER A 514 25.43 -27.98 8.75
C SER A 514 25.07 -29.42 8.38
N LYS A 515 23.91 -29.60 7.77
CA LYS A 515 23.53 -30.93 7.31
C LYS A 515 24.53 -31.47 6.30
N ASP A 516 25.01 -30.59 5.41
CA ASP A 516 26.06 -30.99 4.47
C ASP A 516 27.32 -31.46 5.20
N LEU A 517 27.81 -30.65 6.13
CA LEU A 517 29.12 -30.90 6.72
C LEU A 517 29.11 -32.12 7.63
N ASN A 518 27.96 -32.44 8.23
CA ASN A 518 27.92 -33.60 9.11
C ASN A 518 28.18 -34.88 8.32
N GLU A 519 27.67 -34.96 7.09
CA GLU A 519 27.94 -36.13 6.25
C GLU A 519 29.42 -36.24 5.91
N GLN A 520 30.07 -35.12 5.62
CA GLN A 520 31.50 -35.15 5.35
C GLN A 520 32.27 -35.61 6.57
N PHE A 521 31.85 -35.19 7.76
CA PHE A 521 32.48 -35.70 8.97
C PHE A 521 32.30 -37.21 9.08
N LYS A 522 31.11 -37.70 8.75
CA LYS A 522 30.88 -39.14 8.78
C LYS A 522 31.81 -39.87 7.81
N LYS A 523 31.98 -39.31 6.61
CA LYS A 523 32.87 -39.91 5.62
C LYS A 523 34.30 -39.96 6.15
N HIS A 524 34.81 -38.83 6.63
CA HIS A 524 36.16 -38.79 7.17
C HIS A 524 36.32 -39.69 8.39
N LEU A 525 35.24 -40.00 9.09
CA LEU A 525 35.31 -40.82 10.29
C LEU A 525 35.54 -42.29 9.99
N THR A 526 35.46 -42.72 8.73
CA THR A 526 35.65 -44.12 8.41
C THR A 526 37.10 -44.56 8.57
N ASN A 527 38.01 -43.61 8.77
CA ASN A 527 39.43 -43.93 8.87
C ASN A 527 40.01 -43.58 10.24
N SER A 528 39.14 -43.32 11.22
CA SER A 528 39.60 -42.89 12.55
C SER A 528 38.84 -43.50 13.71
N GLU A 529 38.27 -44.71 13.56
CA GLU A 529 37.63 -45.50 14.61
C GLU A 529 36.74 -44.68 15.54
N PRO A 530 35.54 -44.29 15.09
CA PRO A 530 34.62 -43.57 15.97
C PRO A 530 34.34 -44.36 17.24
N LEU A 531 34.65 -43.74 18.38
CA LEU A 531 34.87 -44.52 19.60
C LEU A 531 33.63 -45.29 20.03
N ASP A 532 32.57 -44.60 20.45
CA ASP A 532 31.43 -45.33 20.96
C ASP A 532 30.07 -44.69 20.70
N LEU A 533 29.98 -43.55 20.03
CA LEU A 533 28.74 -42.80 19.99
C LEU A 533 28.52 -42.16 18.64
N ASP A 534 27.26 -41.87 18.36
CA ASP A 534 26.86 -41.13 17.17
C ASP A 534 27.03 -39.64 17.45
N PHE A 535 27.82 -38.96 16.63
CA PHE A 535 28.03 -37.53 16.78
C PHE A 535 27.39 -36.79 15.62
N SER A 536 26.34 -36.04 15.94
CA SER A 536 25.67 -35.18 14.97
C SER A 536 25.76 -33.76 15.50
N ILE A 537 26.26 -32.84 14.69
CA ILE A 537 26.49 -31.49 15.15
C ILE A 537 25.83 -30.51 14.18
N GLN A 538 25.47 -29.35 14.71
CA GLN A 538 24.90 -28.26 13.92
C GLN A 538 25.71 -27.01 14.19
N VAL A 539 26.47 -26.58 13.19
CA VAL A 539 27.38 -25.45 13.33
C VAL A 539 26.69 -24.23 12.73
N LEU A 540 26.37 -23.26 13.59
CA LEU A 540 25.62 -22.08 13.21
C LEU A 540 26.56 -20.89 13.06
N SER A 541 26.05 -19.82 12.45
CA SER A 541 26.81 -18.58 12.37
C SER A 541 26.77 -17.89 13.71
N SER A 542 27.29 -16.68 13.79
CA SER A 542 27.35 -15.98 15.06
C SER A 542 26.60 -14.66 15.10
N GLY A 543 26.51 -13.96 13.98
CA GLY A 543 25.80 -12.68 13.98
C GLY A 543 24.31 -12.83 13.76
N SER A 544 23.90 -13.98 13.23
CA SER A 544 22.51 -14.16 12.83
C SER A 544 21.67 -14.71 13.97
N TRP A 545 22.09 -15.81 14.55
CA TRP A 545 21.26 -16.50 15.53
C TRP A 545 21.17 -15.69 16.82
N PRO A 546 20.01 -15.64 17.45
CA PRO A 546 19.86 -14.93 18.73
C PRO A 546 20.21 -15.80 19.93
N PHE A 547 21.48 -16.13 20.07
CA PHE A 547 21.97 -16.97 21.16
C PHE A 547 23.18 -16.32 21.80
N GLN A 548 23.30 -16.50 23.11
CA GLN A 548 24.34 -15.86 23.90
C GLN A 548 25.64 -16.66 23.81
N GLN A 549 26.63 -16.23 24.57
CA GLN A 549 27.96 -16.81 24.50
C GLN A 549 28.03 -18.28 24.93
N SER A 550 27.82 -18.55 26.21
CA SER A 550 27.96 -19.89 26.77
C SER A 550 27.49 -19.84 28.22
N CYS A 551 27.64 -20.96 28.94
CA CYS A 551 27.26 -20.99 30.35
C CYS A 551 28.29 -21.73 31.22
N THR A 552 29.58 -21.56 30.92
CA THR A 552 30.67 -21.94 31.82
C THR A 552 30.58 -23.40 32.26
N PHE A 553 30.74 -24.29 31.29
CA PHE A 553 30.62 -25.73 31.52
C PHE A 553 31.98 -26.39 31.50
N ALA A 554 32.09 -27.52 32.20
CA ALA A 554 33.28 -28.34 32.21
C ALA A 554 32.95 -29.68 31.59
N LEU A 555 33.66 -30.04 30.53
CA LEU A 555 33.28 -31.21 29.74
C LEU A 555 33.59 -32.49 30.51
N PRO A 556 32.68 -33.45 30.54
CA PRO A 556 32.99 -34.75 31.14
C PRO A 556 33.99 -35.52 30.29
N SER A 557 34.70 -36.44 30.94
CA SER A 557 35.76 -37.18 30.28
C SER A 557 35.25 -38.19 29.26
N GLU A 558 33.94 -38.41 29.21
CA GLU A 558 33.41 -39.42 28.31
C GLU A 558 33.25 -38.87 26.89
N LEU A 559 33.35 -37.56 26.73
CA LEU A 559 33.08 -36.92 25.44
C LEU A 559 34.31 -36.20 24.87
N GLU A 560 35.40 -36.12 25.63
CA GLU A 560 36.53 -35.30 25.22
C GLU A 560 37.16 -35.79 23.94
N ARG A 561 37.16 -37.11 23.72
CA ARG A 561 37.78 -37.64 22.50
C ARG A 561 37.06 -37.13 21.26
N SER A 562 35.73 -37.25 21.23
CA SER A 562 34.97 -36.74 20.11
C SER A 562 35.07 -35.23 20.00
N TYR A 563 35.04 -34.53 21.12
CA TYR A 563 35.17 -33.07 21.07
C TYR A 563 36.46 -32.65 20.40
N GLN A 564 37.58 -33.21 20.84
CA GLN A 564 38.87 -32.83 20.30
C GLN A 564 39.02 -33.27 18.84
N ARG A 565 38.53 -34.47 18.51
CA ARG A 565 38.64 -34.91 17.12
C ARG A 565 37.85 -33.99 16.19
N PHE A 566 36.64 -33.60 16.58
CA PHE A 566 35.87 -32.75 15.68
C PHE A 566 36.45 -31.34 15.62
N THR A 567 36.96 -30.82 16.73
CA THR A 567 37.51 -29.47 16.64
C THR A 567 38.76 -29.46 15.76
N ALA A 568 39.56 -30.52 15.83
CA ALA A 568 40.72 -30.62 14.94
C ALA A 568 40.29 -30.79 13.49
N PHE A 569 39.21 -31.55 13.24
CA PHE A 569 38.72 -31.69 11.88
C PHE A 569 38.22 -30.36 11.32
N TYR A 570 37.48 -29.61 12.12
CA TYR A 570 36.99 -28.31 11.65
C TYR A 570 38.14 -27.36 11.39
N ALA A 571 39.14 -27.35 12.27
CA ALA A 571 40.29 -26.48 12.06
C ALA A 571 41.00 -26.79 10.74
N SER A 572 40.85 -28.00 10.22
CA SER A 572 41.53 -28.37 8.98
C SER A 572 40.93 -27.65 7.78
N ARG A 573 39.60 -27.65 7.67
CA ARG A 573 38.96 -27.20 6.44
C ARG A 573 38.79 -25.69 6.37
N HIS A 574 39.18 -24.94 7.39
CA HIS A 574 38.95 -23.50 7.41
C HIS A 574 40.15 -22.79 8.01
N SER A 575 40.32 -21.53 7.62
CA SER A 575 41.57 -20.82 7.89
C SER A 575 41.68 -20.42 9.36
N GLY A 576 40.84 -19.50 9.79
CA GLY A 576 40.80 -19.16 11.20
C GLY A 576 39.37 -19.02 11.68
N ARG A 577 38.94 -19.91 12.58
CA ARG A 577 37.57 -19.93 13.04
C ARG A 577 37.57 -20.51 14.44
N LYS A 578 36.68 -20.01 15.28
CA LYS A 578 36.67 -20.38 16.70
C LYS A 578 35.28 -20.92 17.02
N LEU A 579 35.18 -22.24 17.21
CA LEU A 579 33.94 -22.84 17.64
C LEU A 579 33.73 -22.62 19.12
N THR A 580 32.71 -21.84 19.47
CA THR A 580 32.37 -21.59 20.86
C THR A 580 31.20 -22.49 21.24
N TRP A 581 31.51 -23.73 21.63
CA TRP A 581 30.48 -24.70 21.97
C TRP A 581 29.58 -24.16 23.06
N LEU A 582 28.27 -24.30 22.86
CA LEU A 582 27.28 -23.89 23.84
C LEU A 582 26.46 -25.12 24.22
N TYR A 583 26.53 -25.50 25.49
CA TYR A 583 25.92 -26.74 25.95
C TYR A 583 24.53 -26.53 26.53
N GLN A 584 24.09 -25.28 26.67
CA GLN A 584 22.79 -25.04 27.29
C GLN A 584 21.64 -25.62 26.47
N LEU A 585 21.87 -25.92 25.20
CA LEU A 585 20.86 -26.54 24.34
C LEU A 585 21.52 -27.61 23.45
N SER A 586 21.60 -28.82 23.99
CA SER A 586 22.15 -29.96 23.27
C SER A 586 21.79 -31.24 24.00
N LYS A 587 21.17 -32.20 23.31
CA LYS A 587 20.66 -33.41 23.93
C LYS A 587 21.35 -34.63 23.36
N GLY A 588 21.03 -35.78 23.92
CA GLY A 588 21.61 -37.05 23.49
C GLY A 588 20.87 -38.23 24.05
N GLU A 589 21.61 -39.28 24.41
CA GLU A 589 21.02 -40.53 24.87
C GLU A 589 21.90 -41.17 25.93
N LEU A 590 21.29 -41.76 26.95
CA LEU A 590 21.99 -42.60 27.90
C LEU A 590 21.37 -43.99 27.88
N VAL A 591 22.20 -45.00 28.13
CA VAL A 591 21.73 -46.39 28.06
C VAL A 591 21.52 -47.00 29.44
N THR A 592 22.20 -46.50 30.48
CA THR A 592 22.08 -47.01 31.85
C THR A 592 22.33 -48.51 31.92
N ASN A 593 23.58 -48.88 31.62
CA ASN A 593 24.03 -50.25 31.85
C ASN A 593 24.43 -50.44 33.32
N CYS A 594 23.55 -49.97 34.21
CA CYS A 594 23.74 -50.09 35.65
C CYS A 594 22.48 -50.53 36.38
N PHE A 595 21.31 -50.41 35.79
CA PHE A 595 20.05 -50.70 36.44
C PHE A 595 19.61 -52.12 36.12
N LYS A 596 18.37 -52.44 36.49
CA LYS A 596 17.85 -53.80 36.46
C LYS A 596 17.11 -54.14 35.17
N ASN A 597 16.45 -53.19 34.52
CA ASN A 597 15.57 -53.50 33.41
C ASN A 597 15.96 -52.83 32.10
N ARG A 598 17.19 -52.30 31.99
CA ARG A 598 17.74 -51.80 30.72
C ARG A 598 16.84 -50.71 30.13
N TYR A 599 16.77 -49.60 30.84
CA TYR A 599 16.03 -48.43 30.39
C TYR A 599 16.89 -47.62 29.42
N THR A 600 16.42 -46.42 29.07
CA THR A 600 17.17 -45.53 28.18
C THR A 600 16.69 -44.12 28.47
N LEU A 601 17.62 -43.21 28.73
CA LEU A 601 17.29 -41.84 29.07
C LEU A 601 17.61 -40.89 27.92
N GLN A 602 16.86 -39.79 27.88
CA GLN A 602 16.98 -38.82 26.78
C GLN A 602 16.87 -37.43 27.41
N ALA A 603 18.02 -36.81 27.66
CA ALA A 603 18.04 -35.54 28.36
C ALA A 603 19.18 -34.68 27.86
N SER A 604 19.22 -33.45 28.35
CA SER A 604 20.23 -32.48 27.96
C SER A 604 21.61 -32.92 28.46
N THR A 605 22.62 -32.12 28.11
CA THR A 605 23.99 -32.46 28.48
C THR A 605 24.24 -32.27 29.97
N PHE A 606 23.49 -31.36 30.60
CA PHE A 606 23.65 -31.16 32.04
C PHE A 606 23.29 -32.42 32.82
N GLN A 607 22.18 -33.06 32.43
CA GLN A 607 21.85 -34.35 33.03
C GLN A 607 22.97 -35.36 32.80
N MET A 608 23.56 -35.37 31.60
CA MET A 608 24.65 -36.30 31.34
C MET A 608 25.80 -36.08 32.30
N ALA A 609 26.22 -34.83 32.48
CA ALA A 609 27.34 -34.54 33.38
C ALA A 609 27.01 -34.97 34.81
N ILE A 610 25.84 -34.58 35.29
CA ILE A 610 25.48 -34.88 36.68
C ILE A 610 25.39 -36.38 36.89
N LEU A 611 24.74 -37.09 35.98
CA LEU A 611 24.58 -38.54 36.13
C LEU A 611 25.92 -39.25 36.04
N LEU A 612 26.75 -38.88 35.06
CA LEU A 612 28.04 -39.53 34.92
C LEU A 612 28.97 -39.21 36.08
N GLN A 613 28.66 -38.16 36.84
CA GLN A 613 29.44 -37.91 38.05
C GLN A 613 29.24 -39.02 39.08
N TYR A 614 28.23 -39.86 38.88
CA TYR A 614 27.98 -40.97 39.79
C TYR A 614 28.60 -42.28 39.33
N ASN A 615 29.46 -42.25 38.31
CA ASN A 615 30.11 -43.49 37.88
C ASN A 615 31.07 -44.00 38.94
N THR A 616 31.58 -43.12 39.81
CA THR A 616 32.42 -43.56 40.90
C THR A 616 31.60 -44.01 42.11
N GLU A 617 30.84 -43.09 42.70
CA GLU A 617 30.08 -43.36 43.92
C GLU A 617 28.65 -42.89 43.80
N ASP A 618 27.92 -42.89 44.91
CA ASP A 618 26.56 -42.38 44.93
C ASP A 618 26.31 -41.48 46.13
N ALA A 619 27.33 -40.79 46.62
CA ALA A 619 27.25 -40.00 47.85
C ALA A 619 27.82 -38.61 47.64
N TYR A 620 27.37 -37.93 46.60
CA TYR A 620 27.79 -36.57 46.31
C TYR A 620 26.73 -35.58 46.81
N THR A 621 27.20 -34.39 47.16
CA THR A 621 26.33 -33.30 47.61
C THR A 621 26.19 -32.26 46.52
N VAL A 622 25.51 -31.17 46.84
CA VAL A 622 25.42 -30.04 45.92
C VAL A 622 26.81 -29.45 45.67
N GLN A 623 27.58 -29.25 46.75
CA GLN A 623 28.94 -28.75 46.59
C GLN A 623 29.82 -29.76 45.87
N GLN A 624 29.71 -31.03 46.23
CA GLN A 624 30.56 -32.05 45.62
C GLN A 624 30.28 -32.15 44.12
N LEU A 625 29.02 -32.05 43.72
CA LEU A 625 28.69 -32.01 42.30
C LEU A 625 29.19 -30.72 41.65
N THR A 626 29.09 -29.60 42.37
CA THR A 626 29.51 -28.32 41.82
C THR A 626 30.99 -28.31 41.49
N ASP A 627 31.80 -28.93 42.34
CA ASP A 627 33.25 -28.91 42.12
C ASP A 627 33.61 -29.56 40.78
N SER A 628 32.95 -30.66 40.43
CA SER A 628 33.35 -31.45 39.27
C SER A 628 32.68 -31.02 37.97
N THR A 629 31.65 -30.18 38.02
CA THR A 629 30.96 -29.75 36.81
C THR A 629 30.96 -28.24 36.60
N GLN A 630 31.36 -27.46 37.60
CA GLN A 630 31.57 -26.02 37.48
C GLN A 630 30.35 -25.28 36.96
N ILE A 631 29.15 -25.69 37.35
CA ILE A 631 27.94 -25.04 36.85
C ILE A 631 27.49 -23.96 37.84
N LYS A 632 26.73 -23.00 37.31
CA LYS A 632 26.22 -21.89 38.11
C LYS A 632 25.19 -22.40 39.13
N MET A 633 25.06 -21.62 40.22
CA MET A 633 24.33 -22.09 41.40
C MET A 633 22.86 -22.33 41.10
N ASP A 634 22.17 -21.33 40.55
CA ASP A 634 20.73 -21.45 40.36
C ASP A 634 20.40 -22.41 39.22
N ILE A 635 21.25 -22.46 38.20
CA ILE A 635 21.06 -23.45 37.13
C ILE A 635 21.19 -24.85 37.69
N LEU A 636 22.20 -25.09 38.54
CA LEU A 636 22.36 -26.39 39.15
C LEU A 636 21.19 -26.72 40.08
N ALA A 637 20.68 -25.72 40.79
CA ALA A 637 19.52 -25.93 41.64
C ALA A 637 18.32 -26.37 40.80
N GLN A 638 18.08 -25.68 39.68
CA GLN A 638 16.96 -26.05 38.82
C GLN A 638 17.10 -27.46 38.27
N VAL A 639 18.31 -27.80 37.80
CA VAL A 639 18.49 -29.11 37.19
C VAL A 639 18.37 -30.22 38.23
N LEU A 640 18.90 -29.99 39.44
CA LEU A 640 18.76 -31.00 40.48
C LEU A 640 17.31 -31.13 40.93
N GLN A 641 16.58 -30.02 40.96
CA GLN A 641 15.16 -30.09 41.28
C GLN A 641 14.41 -30.93 40.24
N ILE A 642 14.74 -30.73 38.96
CA ILE A 642 14.10 -31.53 37.91
C ILE A 642 14.45 -33.00 38.08
N LEU A 643 15.72 -33.30 38.40
CA LEU A 643 16.13 -34.69 38.57
C LEU A 643 15.41 -35.34 39.75
N LEU A 644 15.30 -34.62 40.87
CA LEU A 644 14.65 -35.20 42.05
C LEU A 644 13.14 -35.33 41.83
N LYS A 645 12.54 -34.43 41.04
CA LYS A 645 11.15 -34.61 40.66
C LYS A 645 10.95 -35.91 39.90
N SER A 646 11.87 -36.22 38.99
CA SER A 646 11.89 -37.54 38.39
C SER A 646 12.32 -38.57 39.41
N LYS A 647 11.96 -39.83 39.16
CA LYS A 647 12.17 -40.89 40.13
C LYS A 647 13.61 -41.40 40.15
N LEU A 648 14.49 -40.81 39.35
CA LEU A 648 15.87 -41.28 39.31
C LEU A 648 16.64 -40.98 40.59
N LEU A 649 16.55 -39.75 41.08
CA LEU A 649 17.31 -39.30 42.23
C LEU A 649 16.37 -38.96 43.38
N VAL A 650 16.72 -39.44 44.58
CA VAL A 650 15.94 -39.17 45.78
C VAL A 650 16.87 -38.66 46.86
N LEU A 651 16.31 -37.90 47.80
CA LEU A 651 17.07 -37.36 48.90
C LEU A 651 17.24 -38.42 49.99
N GLU A 652 17.70 -37.99 51.16
CA GLU A 652 17.76 -38.91 52.31
C GLU A 652 16.37 -39.38 52.69
N ASP A 653 15.40 -38.48 52.71
CA ASP A 653 14.03 -38.81 53.07
C ASP A 653 13.43 -39.75 52.02
N GLU A 654 12.45 -40.53 52.47
CA GLU A 654 11.77 -41.50 51.61
C GLU A 654 10.60 -40.90 50.84
N ASN A 655 9.69 -40.21 51.52
CA ASN A 655 8.51 -39.62 50.88
C ASN A 655 8.39 -38.13 51.15
N ALA A 656 9.49 -37.37 51.06
CA ALA A 656 9.42 -35.93 51.27
C ALA A 656 8.90 -35.24 50.01
N ASN A 657 8.51 -33.97 50.18
CA ASN A 657 8.14 -33.11 49.06
C ASN A 657 9.41 -32.45 48.53
N VAL A 658 10.27 -33.28 47.93
CA VAL A 658 11.54 -32.79 47.39
C VAL A 658 11.34 -31.80 46.28
N ASP A 659 10.20 -31.85 45.58
CA ASP A 659 9.96 -30.94 44.48
C ASP A 659 9.87 -29.48 44.91
N GLU A 660 9.66 -29.22 46.19
CA GLU A 660 9.51 -27.86 46.68
C GLU A 660 10.55 -27.45 47.70
N VAL A 661 11.11 -28.39 48.45
CA VAL A 661 12.08 -28.04 49.47
C VAL A 661 13.39 -27.66 48.77
N GLU A 662 13.96 -26.53 49.18
CA GLU A 662 15.25 -26.11 48.66
C GLU A 662 16.36 -26.99 49.26
N LEU A 663 17.44 -27.12 48.50
CA LEU A 663 18.58 -27.93 48.92
C LEU A 663 19.76 -27.04 49.24
N LYS A 664 20.56 -27.49 50.20
CA LYS A 664 21.68 -26.70 50.70
C LYS A 664 22.98 -27.40 50.29
N PRO A 665 24.09 -26.66 50.18
CA PRO A 665 25.32 -27.27 49.66
C PRO A 665 25.76 -28.51 50.42
N ASP A 666 25.53 -28.57 51.73
CA ASP A 666 25.89 -29.73 52.53
C ASP A 666 24.71 -30.69 52.68
N THR A 667 24.20 -31.14 51.54
CA THR A 667 23.10 -32.10 51.49
C THR A 667 23.47 -33.23 50.54
N LEU A 668 23.53 -34.44 51.07
CA LEU A 668 23.87 -35.60 50.27
C LEU A 668 22.77 -35.91 49.26
N ILE A 669 23.17 -36.41 48.10
CA ILE A 669 22.24 -36.86 47.07
C ILE A 669 22.47 -38.35 46.86
N LYS A 670 21.40 -39.13 46.99
CA LYS A 670 21.47 -40.59 46.97
C LYS A 670 20.89 -41.11 45.67
N LEU A 671 21.64 -41.99 45.00
CA LEU A 671 21.19 -42.60 43.75
C LEU A 671 20.17 -43.68 44.08
N TYR A 672 18.95 -43.53 43.57
CA TYR A 672 17.86 -44.46 43.88
C TYR A 672 18.00 -45.69 43.00
N LEU A 673 18.54 -46.77 43.57
CA LEU A 673 18.82 -47.97 42.79
C LEU A 673 17.56 -48.74 42.41
N GLY A 674 16.43 -48.46 43.05
CA GLY A 674 15.19 -49.13 42.75
C GLY A 674 14.35 -48.47 41.68
N TYR A 675 14.93 -47.58 40.87
CA TYR A 675 14.17 -46.87 39.87
C TYR A 675 13.50 -47.83 38.89
N LYS A 676 12.26 -47.52 38.52
CA LYS A 676 11.52 -48.36 37.58
C LYS A 676 10.44 -47.51 36.93
N ASN A 677 10.33 -47.62 35.61
CA ASN A 677 9.28 -46.94 34.86
C ASN A 677 8.46 -47.95 34.07
N LYS A 678 7.18 -47.61 33.88
CA LYS A 678 6.26 -48.52 33.20
C LYS A 678 6.70 -48.78 31.77
N LYS A 679 7.07 -47.74 31.04
CA LYS A 679 7.48 -47.84 29.65
C LYS A 679 8.99 -47.74 29.55
N LEU A 680 9.50 -48.02 28.35
CA LEU A 680 10.92 -47.94 28.04
C LEU A 680 11.23 -46.61 27.37
N ARG A 681 12.51 -46.24 27.38
CA ARG A 681 12.97 -44.98 26.81
C ARG A 681 12.26 -43.81 27.47
N VAL A 682 12.55 -43.63 28.76
CA VAL A 682 11.99 -42.51 29.51
C VAL A 682 12.59 -41.21 29.03
N ASN A 683 11.74 -40.21 28.82
CA ASN A 683 12.15 -38.89 28.32
C ASN A 683 12.06 -37.91 29.48
N ILE A 684 13.22 -37.51 30.00
CA ILE A 684 13.27 -36.60 31.15
C ILE A 684 13.71 -35.24 30.61
N ASN A 685 12.73 -34.38 30.37
CA ASN A 685 13.00 -33.05 29.85
C ASN A 685 11.79 -32.16 30.12
N VAL A 686 11.99 -30.86 30.02
CA VAL A 686 10.91 -29.91 30.23
C VAL A 686 10.68 -29.08 28.96
N ASP B 98 15.69 9.42 29.45
CA ASP B 98 14.97 9.87 30.64
C ASP B 98 15.26 11.35 30.91
N TYR B 99 14.53 12.22 30.22
CA TYR B 99 14.71 13.67 30.36
C TYR B 99 13.34 14.29 30.59
N ARG B 100 13.07 14.68 31.82
CA ARG B 100 11.76 15.18 32.22
C ARG B 100 11.71 16.70 32.04
N TYR B 101 10.88 17.17 31.12
CA TYR B 101 10.71 18.60 30.88
C TYR B 101 9.21 18.88 30.82
N GLU B 102 8.84 20.13 31.11
CA GLU B 102 7.44 20.50 31.13
C GLU B 102 7.23 21.74 30.28
N VAL B 103 6.05 21.84 29.68
CA VAL B 103 5.67 22.96 28.83
C VAL B 103 4.50 23.68 29.48
N LEU B 104 4.63 24.99 29.66
CA LEU B 104 3.63 25.80 30.34
C LEU B 104 3.50 27.14 29.65
N THR B 105 2.48 27.89 30.04
CA THR B 105 2.22 29.21 29.50
C THR B 105 2.64 30.29 30.51
N ALA B 106 2.52 31.54 30.09
CA ALA B 106 2.93 32.67 30.92
C ALA B 106 2.15 32.73 32.23
N ARG B 271 17.37 29.98 35.81
CA ARG B 271 18.38 29.19 35.12
C ARG B 271 17.80 27.85 34.67
N LEU B 272 16.56 27.58 35.07
CA LEU B 272 15.88 26.35 34.69
C LEU B 272 14.63 26.61 33.86
N LEU B 273 14.48 27.82 33.33
CA LEU B 273 13.35 28.19 32.48
C LEU B 273 13.86 28.97 31.29
N LYS B 274 13.11 28.90 30.19
CA LYS B 274 13.57 29.54 28.96
C LYS B 274 12.36 29.92 28.12
N TRP B 275 12.57 30.89 27.22
CA TRP B 275 11.53 31.30 26.28
C TRP B 275 11.71 30.55 24.96
N CYS B 276 10.63 30.47 24.18
CA CYS B 276 10.64 29.66 22.97
C CYS B 276 11.00 30.51 21.75
N PRO B 277 12.07 30.16 21.01
CA PRO B 277 12.44 30.93 19.82
C PRO B 277 11.43 30.92 18.69
N ALA B 278 10.22 30.39 18.88
CA ALA B 278 9.24 30.45 17.81
C ALA B 278 8.86 31.91 17.55
N PRO B 279 8.44 32.23 16.32
CA PRO B 279 8.16 33.63 15.98
C PRO B 279 7.14 34.30 16.90
N ASP B 280 6.10 33.59 17.29
CA ASP B 280 5.08 34.18 18.14
C ASP B 280 4.54 33.24 19.22
N CYS B 281 5.17 32.09 19.46
CA CYS B 281 4.72 31.23 20.55
C CYS B 281 4.89 31.94 21.88
N HIS B 282 3.91 31.76 22.76
CA HIS B 282 3.90 32.36 24.09
C HIS B 282 3.81 31.21 25.10
N HIS B 283 4.97 30.66 25.44
CA HIS B 283 5.06 29.57 26.40
C HIS B 283 6.36 29.70 27.17
N VAL B 284 6.53 28.87 28.17
CA VAL B 284 7.79 28.75 28.89
C VAL B 284 8.16 27.28 28.96
N VAL B 285 9.44 26.98 28.80
CA VAL B 285 9.94 25.62 28.91
C VAL B 285 10.69 25.54 30.23
N LYS B 286 10.27 24.60 31.07
CA LYS B 286 10.98 24.33 32.31
C LYS B 286 11.52 22.91 32.27
N VAL B 287 12.75 22.73 32.74
CA VAL B 287 13.42 21.43 32.70
C VAL B 287 14.12 21.20 34.03
N GLN B 288 14.46 19.94 34.29
CA GLN B 288 15.14 19.58 35.53
C GLN B 288 16.59 20.02 35.56
N TYR B 289 17.33 19.82 34.47
CA TYR B 289 18.76 20.14 34.43
C TYR B 289 19.26 20.18 32.99
N PRO B 290 19.98 21.25 32.61
CA PRO B 290 20.30 21.49 31.19
C PRO B 290 21.45 20.61 30.71
N ASP B 291 21.25 19.95 29.57
CA ASP B 291 22.30 19.15 28.95
C ASP B 291 22.39 19.38 27.44
N ALA B 292 21.93 20.51 26.94
CA ALA B 292 21.85 20.76 25.50
C ALA B 292 21.09 19.64 24.79
N LYS B 293 19.98 19.20 25.38
CA LYS B 293 19.11 18.15 24.86
C LYS B 293 17.94 18.75 24.10
N PRO B 294 17.32 17.98 23.22
CA PRO B 294 16.20 18.51 22.43
C PRO B 294 14.90 18.51 23.21
N VAL B 295 14.25 19.66 23.24
CA VAL B 295 12.97 19.81 23.92
C VAL B 295 11.96 20.33 22.90
N ARG B 296 10.74 19.83 23.01
CA ARG B 296 9.65 20.21 22.12
C ARG B 296 8.68 21.11 22.87
N CYS B 297 8.34 22.25 22.27
CA CYS B 297 7.52 23.24 22.94
C CYS B 297 6.03 22.98 22.83
N LYS B 298 5.64 21.90 22.15
CA LYS B 298 4.26 21.51 21.84
C LYS B 298 3.58 22.55 20.97
N CYS B 299 4.27 23.62 20.57
CA CYS B 299 3.79 24.57 19.58
C CYS B 299 4.17 24.19 18.16
N GLY B 300 4.77 23.01 17.96
CA GLY B 300 5.20 22.56 16.65
C GLY B 300 6.69 22.74 16.38
N ARG B 301 7.48 23.10 17.39
CA ARG B 301 8.89 23.38 17.22
C ARG B 301 9.70 22.74 18.34
N GLN B 302 10.90 22.28 18.00
CA GLN B 302 11.83 21.77 19.00
C GLN B 302 13.15 22.50 18.85
N PHE B 303 13.90 22.60 19.94
CA PHE B 303 15.22 23.19 19.96
C PHE B 303 15.97 22.67 21.17
N CYS B 304 17.30 22.76 21.13
CA CYS B 304 18.09 22.31 22.26
C CYS B 304 18.05 23.38 23.34
N PHE B 305 17.90 22.95 24.59
CA PHE B 305 17.57 23.88 25.67
C PHE B 305 18.71 24.84 25.97
N ASN B 306 19.94 24.49 25.61
CA ASN B 306 21.07 25.30 26.06
C ASN B 306 21.25 26.56 25.24
N CYS B 307 21.53 26.42 23.94
CA CYS B 307 21.89 27.61 23.17
C CYS B 307 20.66 28.33 22.62
N GLY B 308 19.88 27.66 21.78
CA GLY B 308 18.70 28.32 21.25
C GLY B 308 18.38 28.11 19.78
N GLU B 309 19.25 27.44 19.03
CA GLU B 309 18.91 27.10 17.65
C GLU B 309 18.36 25.68 17.58
N ASN B 310 18.03 25.25 16.35
CA ASN B 310 17.38 23.97 16.14
C ASN B 310 18.26 22.83 16.64
N TRP B 311 17.65 21.64 16.71
CA TRP B 311 18.35 20.50 17.29
C TRP B 311 19.45 20.02 16.36
N HIS B 312 20.65 19.88 16.92
CA HIS B 312 21.86 19.48 16.19
C HIS B 312 22.47 18.30 16.93
N ASP B 313 22.41 17.11 16.34
CA ASP B 313 22.74 15.92 17.10
C ASP B 313 24.24 15.68 17.27
N PRO B 314 25.05 15.61 16.21
CA PRO B 314 26.45 15.23 16.42
C PRO B 314 27.34 16.37 16.89
N VAL B 315 27.09 17.58 16.40
CA VAL B 315 28.00 18.69 16.62
C VAL B 315 27.68 19.38 17.93
N LYS B 316 28.72 19.83 18.62
CA LYS B 316 28.55 20.54 19.87
C LYS B 316 28.12 21.98 19.61
N CYS B 317 27.57 22.61 20.64
CA CYS B 317 26.93 23.92 20.46
C CYS B 317 27.95 25.01 20.14
N LYS B 318 29.11 24.98 20.82
CA LYS B 318 30.09 26.06 20.64
C LYS B 318 30.60 26.11 19.21
N TRP B 319 30.88 24.95 18.61
CA TRP B 319 31.33 24.94 17.22
C TRP B 319 30.22 25.40 16.28
N LEU B 320 28.96 25.11 16.61
CA LEU B 320 27.87 25.66 15.83
C LEU B 320 27.86 27.17 15.90
N LYS B 321 28.12 27.73 17.08
CA LYS B 321 28.20 29.19 17.22
C LYS B 321 29.31 29.75 16.33
N LYS B 322 30.51 29.18 16.44
CA LYS B 322 31.64 29.71 15.68
C LYS B 322 31.44 29.52 14.18
N TRP B 323 30.69 28.50 13.77
CA TRP B 323 30.40 28.33 12.35
C TRP B 323 29.34 29.30 11.88
N ILE B 324 28.38 29.64 12.74
CA ILE B 324 27.28 30.50 12.32
C ILE B 324 27.64 31.98 12.41
N LYS B 325 28.69 32.34 13.16
CA LYS B 325 29.08 33.73 13.24
C LYS B 325 29.50 34.27 11.87
N LYS B 326 30.37 33.54 11.18
CA LYS B 326 30.79 33.88 9.82
C LYS B 326 30.14 32.98 8.78
N CYS B 327 28.86 32.64 8.96
CA CYS B 327 28.22 31.59 8.19
C CYS B 327 28.31 31.81 6.69
N ASP B 328 28.32 33.06 6.25
CA ASP B 328 28.47 33.40 4.82
C ASP B 328 27.42 32.70 3.97
N ARG B 406 44.13 31.74 6.25
CA ARG B 406 42.93 32.02 5.45
C ARG B 406 43.30 32.56 4.07
N SER B 407 44.49 32.21 3.59
CA SER B 407 44.99 32.81 2.36
C SER B 407 44.45 32.11 1.12
N ARG B 408 44.82 30.86 0.92
CA ARG B 408 44.47 30.21 -0.34
C ARG B 408 43.81 28.85 -0.16
N ALA B 409 44.25 28.04 0.79
CA ALA B 409 43.70 26.70 0.94
C ALA B 409 42.53 26.68 1.91
N ALA B 410 42.62 27.49 2.98
CA ALA B 410 41.51 27.60 3.91
C ALA B 410 40.26 28.10 3.20
N LEU B 411 40.44 29.02 2.23
CA LEU B 411 39.30 29.49 1.45
C LEU B 411 38.69 28.36 0.64
N GLN B 412 39.53 27.47 0.07
CA GLN B 412 39.00 26.35 -0.69
C GLN B 412 38.24 25.37 0.21
N ARG B 413 38.79 25.05 1.36
CA ARG B 413 38.10 24.17 2.30
C ARG B 413 36.77 24.77 2.73
N TYR B 414 36.78 26.06 3.07
CA TYR B 414 35.55 26.73 3.47
C TYR B 414 34.55 26.73 2.32
N LEU B 415 35.01 26.94 1.09
CA LEU B 415 34.09 26.94 -0.04
C LEU B 415 33.44 25.58 -0.20
N PHE B 416 34.22 24.50 -0.12
CA PHE B 416 33.66 23.17 -0.26
C PHE B 416 32.63 22.88 0.84
N TYR B 417 33.01 23.11 2.09
CA TYR B 417 32.14 22.76 3.20
C TYR B 417 30.89 23.63 3.21
N CYS B 418 31.04 24.93 3.02
CA CYS B 418 29.86 25.79 2.96
C CYS B 418 29.00 25.49 1.76
N ASN B 419 29.59 25.03 0.65
CA ASN B 419 28.78 24.63 -0.49
C ASN B 419 27.90 23.46 -0.13
N ARG B 420 28.47 22.43 0.50
CA ARG B 420 27.66 21.28 0.88
C ARG B 420 26.59 21.67 1.90
N TYR B 421 26.97 22.49 2.88
CA TYR B 421 26.02 22.89 3.92
C TYR B 421 24.87 23.70 3.34
N MET B 422 25.17 24.68 2.48
CA MET B 422 24.10 25.49 1.91
C MET B 422 23.26 24.67 0.93
N ASN B 423 23.87 23.69 0.24
CA ASN B 423 23.08 22.82 -0.61
C ASN B 423 22.04 22.07 0.21
N HIS B 424 22.47 21.46 1.31
CA HIS B 424 21.52 20.73 2.15
C HIS B 424 20.48 21.68 2.76
N MET B 425 20.88 22.87 3.17
CA MET B 425 19.92 23.81 3.74
C MET B 425 18.88 24.25 2.71
N GLN B 426 19.31 24.52 1.49
CA GLN B 426 18.39 24.94 0.44
C GLN B 426 17.44 23.81 0.08
N SER B 427 17.94 22.57 0.08
CA SER B 427 17.05 21.45 -0.18
C SER B 427 16.04 21.27 0.95
N LEU B 428 16.48 21.45 2.20
CA LEU B 428 15.59 21.27 3.34
C LEU B 428 14.54 22.36 3.44
N ARG B 429 14.87 23.61 3.11
CA ARG B 429 13.88 24.68 3.18
C ARG B 429 12.71 24.46 2.23
N PHE B 430 12.90 23.67 1.17
CA PHE B 430 11.85 23.42 0.19
C PHE B 430 11.17 22.08 0.40
N GLU B 431 11.23 21.52 1.60
CA GLU B 431 10.67 20.19 1.81
C GLU B 431 9.15 20.20 1.82
N HIS B 432 8.54 21.37 2.06
CA HIS B 432 7.11 21.49 1.87
C HIS B 432 6.73 21.21 0.43
N LYS B 433 7.51 21.76 -0.51
CA LYS B 433 7.29 21.44 -1.92
C LYS B 433 7.51 19.96 -2.19
N LEU B 434 8.51 19.36 -1.55
CA LEU B 434 8.76 17.94 -1.71
C LEU B 434 7.59 17.11 -1.21
N TYR B 435 7.04 17.46 -0.04
CA TYR B 435 5.90 16.75 0.50
C TYR B 435 4.69 16.88 -0.43
N ALA B 436 4.41 18.10 -0.89
CA ALA B 436 3.28 18.29 -1.78
C ALA B 436 3.48 17.55 -3.09
N GLN B 437 4.71 17.55 -3.62
CA GLN B 437 4.99 16.86 -4.87
C GLN B 437 4.77 15.36 -4.72
N VAL B 438 5.29 14.76 -3.65
CA VAL B 438 5.11 13.33 -3.48
C VAL B 438 3.64 13.00 -3.23
N LYS B 439 2.91 13.86 -2.51
CA LYS B 439 1.50 13.57 -2.24
C LYS B 439 0.68 13.64 -3.52
N GLN B 440 0.85 14.70 -4.30
CA GLN B 440 0.12 14.81 -5.56
C GLN B 440 0.48 13.66 -6.49
N LYS B 441 1.76 13.24 -6.46
CA LYS B 441 2.13 12.01 -7.14
C LYS B 441 1.33 10.83 -6.61
N MET B 442 1.09 10.79 -5.30
CA MET B 442 0.36 9.66 -4.72
C MET B 442 -1.04 9.57 -5.31
N GLU B 443 -1.75 10.69 -5.36
CA GLU B 443 -3.09 10.66 -5.96
C GLU B 443 -3.01 10.33 -7.46
N GLU B 444 -2.06 10.93 -8.17
CA GLU B 444 -1.95 10.70 -9.61
C GLU B 444 -1.69 9.23 -9.90
N MET B 445 -0.79 8.60 -9.14
CA MET B 445 -0.44 7.21 -9.37
C MET B 445 -1.54 6.28 -8.87
N GLN B 446 -2.31 6.72 -7.88
CA GLN B 446 -3.38 5.87 -7.36
C GLN B 446 -4.58 5.85 -8.29
N GLN B 447 -4.86 6.96 -8.97
CA GLN B 447 -6.02 6.97 -9.85
C GLN B 447 -5.80 6.15 -11.12
N HIS B 448 -4.55 5.92 -11.51
CA HIS B 448 -4.25 5.14 -12.71
C HIS B 448 -4.19 3.65 -12.41
N ASN B 449 -5.26 3.14 -11.79
CA ASN B 449 -5.41 1.71 -11.50
C ASN B 449 -4.28 1.19 -10.62
N MET B 450 -4.11 1.81 -9.45
CA MET B 450 -3.14 1.29 -8.50
C MET B 450 -3.59 1.59 -7.08
N SER B 451 -3.16 0.77 -6.13
CA SER B 451 -3.70 0.75 -4.77
C SER B 451 -3.11 1.83 -3.86
N TRP B 452 -3.32 1.66 -2.55
CA TRP B 452 -2.99 2.63 -1.51
C TRP B 452 -1.67 2.35 -0.79
N ILE B 453 -1.37 1.08 -0.51
CA ILE B 453 -0.20 0.73 0.27
C ILE B 453 1.08 1.21 -0.43
N GLU B 454 1.03 1.34 -1.74
CA GLU B 454 2.20 1.77 -2.50
C GLU B 454 2.56 3.21 -2.18
N VAL B 455 1.57 4.10 -2.25
CA VAL B 455 1.87 5.47 -1.85
C VAL B 455 2.23 5.52 -0.38
N GLN B 456 1.79 4.53 0.40
CA GLN B 456 2.23 4.48 1.79
C GLN B 456 3.76 4.30 1.89
N PHE B 457 4.32 3.32 1.19
CA PHE B 457 5.77 3.16 1.35
C PHE B 457 6.50 4.36 0.76
N LEU B 458 5.91 4.99 -0.25
CA LEU B 458 6.53 6.20 -0.78
C LEU B 458 6.64 7.28 0.28
N LYS B 459 5.57 7.47 1.06
CA LYS B 459 5.61 8.45 2.14
C LYS B 459 6.71 8.12 3.14
N LYS B 460 6.83 6.85 3.50
CA LYS B 460 7.88 6.46 4.45
C LYS B 460 9.26 6.80 3.91
N ALA B 461 9.51 6.50 2.64
CA ALA B 461 10.81 6.79 2.05
C ALA B 461 11.12 8.28 2.09
N VAL B 462 10.13 9.11 1.77
CA VAL B 462 10.35 10.55 1.79
C VAL B 462 10.76 11.00 3.18
N ASP B 463 10.07 10.50 4.20
CA ASP B 463 10.38 10.92 5.57
C ASP B 463 11.81 10.56 5.93
N VAL B 464 12.23 9.33 5.60
CA VAL B 464 13.60 8.92 5.92
C VAL B 464 14.62 9.80 5.19
N LEU B 465 14.34 10.13 3.92
CA LEU B 465 15.25 10.98 3.16
C LEU B 465 15.44 12.32 3.83
N CYS B 466 14.35 12.96 4.24
CA CYS B 466 14.47 14.26 4.89
C CYS B 466 15.26 14.16 6.19
N GLN B 467 15.03 13.11 6.98
CA GLN B 467 15.78 12.96 8.22
C GLN B 467 17.27 12.80 7.97
N CYS B 468 17.63 12.00 6.96
CA CYS B 468 19.05 11.81 6.66
C CYS B 468 19.70 13.10 6.22
N ARG B 469 19.02 13.89 5.40
CA ARG B 469 19.59 15.18 5.02
C ARG B 469 19.79 16.07 6.24
N ALA B 470 18.82 16.09 7.14
CA ALA B 470 18.96 16.90 8.34
C ALA B 470 20.16 16.50 9.18
N THR B 471 20.50 15.21 9.23
CA THR B 471 21.71 14.82 9.95
C THR B 471 23.01 15.15 9.21
N LEU B 472 23.04 14.94 7.89
CA LEU B 472 24.23 15.31 7.13
C LEU B 472 24.55 16.79 7.27
N MET B 473 23.52 17.63 7.36
CA MET B 473 23.66 19.05 7.61
C MET B 473 24.73 19.32 8.66
N TYR B 474 24.48 18.85 9.87
CA TYR B 474 25.37 19.19 10.96
C TYR B 474 26.59 18.27 11.03
N THR B 475 26.56 17.12 10.39
CA THR B 475 27.79 16.33 10.41
C THR B 475 28.88 17.01 9.59
N TYR B 476 28.50 17.76 8.54
CA TYR B 476 29.51 18.54 7.82
C TYR B 476 30.14 19.59 8.73
N VAL B 477 29.30 20.28 9.51
CA VAL B 477 29.80 21.27 10.45
C VAL B 477 30.77 20.65 11.42
N PHE B 478 30.43 19.47 11.96
CA PHE B 478 31.36 18.79 12.85
C PHE B 478 32.66 18.46 12.14
N ALA B 479 32.58 18.01 10.89
CA ALA B 479 33.76 17.62 10.15
C ALA B 479 34.69 18.77 9.87
N PHE B 480 34.18 19.99 9.72
CA PHE B 480 35.05 21.09 9.30
C PHE B 480 36.13 21.38 10.34
N TYR B 481 35.73 21.58 11.60
CA TYR B 481 36.68 21.92 12.67
C TYR B 481 37.34 20.64 13.17
N LEU B 482 38.21 20.06 12.33
CA LEU B 482 38.80 18.77 12.69
C LEU B 482 40.16 18.66 12.02
N LYS B 483 41.20 18.42 12.82
CA LYS B 483 42.54 18.25 12.28
C LYS B 483 42.71 16.84 11.74
N LYS B 484 43.26 16.72 10.54
CA LYS B 484 43.32 15.45 9.85
C LYS B 484 44.22 14.44 10.53
N ASN B 485 43.68 13.27 10.86
CA ASN B 485 44.45 12.14 11.35
C ASN B 485 43.74 10.86 10.90
N ASN B 486 44.14 9.73 11.48
CA ASN B 486 43.62 8.45 11.03
C ASN B 486 42.11 8.37 11.23
N GLN B 487 41.62 8.83 12.37
CA GLN B 487 40.21 8.75 12.66
C GLN B 487 39.39 9.78 11.94
N SER B 488 39.98 10.73 11.21
CA SER B 488 39.21 11.68 10.42
C SER B 488 39.03 11.24 8.98
N ILE B 489 40.00 10.53 8.42
CA ILE B 489 39.85 10.03 7.06
C ILE B 489 38.71 9.03 7.00
N ILE B 490 38.58 8.17 8.01
CA ILE B 490 37.50 7.19 8.03
C ILE B 490 36.15 7.87 8.04
N PHE B 491 36.00 8.90 8.87
CA PHE B 491 34.73 9.60 8.96
C PHE B 491 34.40 10.31 7.65
N GLU B 492 35.37 11.04 7.11
CA GLU B 492 35.15 11.73 5.86
C GLU B 492 34.88 10.76 4.71
N ASN B 493 35.32 9.51 4.84
CA ASN B 493 35.06 8.50 3.84
C ASN B 493 33.69 7.84 4.00
N ASN B 494 33.19 7.71 5.23
CA ASN B 494 31.86 7.15 5.43
C ASN B 494 30.77 8.14 5.06
N GLN B 495 30.94 9.41 5.44
CA GLN B 495 29.85 10.35 5.17
C GLN B 495 29.73 10.63 3.69
N ALA B 496 30.82 10.50 2.93
CA ALA B 496 30.72 10.65 1.48
C ALA B 496 29.85 9.55 0.90
N ASP B 497 30.00 8.31 1.39
CA ASP B 497 29.14 7.23 0.92
C ASP B 497 27.69 7.47 1.28
N LEU B 498 27.44 7.97 2.50
CA LEU B 498 26.06 8.26 2.88
C LEU B 498 25.47 9.36 2.00
N GLU B 499 26.26 10.39 1.71
CA GLU B 499 25.84 11.45 0.79
C GLU B 499 25.44 10.87 -0.57
N ASN B 500 26.28 9.98 -1.10
CA ASN B 500 25.97 9.36 -2.39
C ASN B 500 24.68 8.55 -2.32
N ALA B 501 24.49 7.79 -1.23
CA ALA B 501 23.27 7.00 -1.11
C ALA B 501 22.04 7.89 -1.07
N THR B 502 22.11 9.00 -0.31
CA THR B 502 21.00 9.93 -0.26
C THR B 502 20.68 10.50 -1.63
N GLU B 503 21.72 10.87 -2.39
CA GLU B 503 21.49 11.38 -3.73
C GLU B 503 20.81 10.34 -4.61
N VAL B 504 21.25 9.08 -4.47
CA VAL B 504 20.63 7.93 -5.18
C VAL B 504 19.14 7.84 -4.80
N LEU B 505 18.85 7.88 -3.49
CA LEU B 505 17.44 7.75 -3.02
C LEU B 505 16.57 8.85 -3.66
N SER B 506 17.02 10.10 -3.56
CA SER B 506 16.24 11.24 -4.07
C SER B 506 16.11 11.19 -5.57
N GLY B 507 17.09 10.64 -6.27
CA GLY B 507 16.98 10.44 -7.70
C GLY B 507 15.94 9.40 -8.06
N TYR B 508 15.89 8.30 -7.30
CA TYR B 508 14.86 7.29 -7.53
C TYR B 508 13.48 7.89 -7.48
N LEU B 509 13.20 8.66 -6.42
CA LEU B 509 11.81 9.05 -6.22
C LEU B 509 11.24 9.76 -7.44
N GLU B 510 11.74 10.96 -7.71
CA GLU B 510 11.16 11.87 -8.70
C GLU B 510 10.84 11.16 -10.00
N ARG B 511 11.87 10.61 -10.65
CA ARG B 511 11.65 10.02 -11.96
C ARG B 511 11.09 8.61 -11.86
N ASP B 512 11.77 7.72 -11.14
CA ASP B 512 11.47 6.31 -11.23
C ASP B 512 10.25 5.89 -10.42
N ILE B 513 9.39 6.82 -9.97
CA ILE B 513 8.06 6.40 -9.55
C ILE B 513 7.05 6.50 -10.70
N SER B 514 7.54 6.54 -11.94
CA SER B 514 6.71 6.88 -13.09
C SER B 514 5.39 6.13 -13.16
N GLN B 515 5.40 4.82 -13.41
CA GLN B 515 4.14 4.11 -13.63
C GLN B 515 4.39 2.61 -13.79
N ASP B 516 3.41 1.84 -13.32
CA ASP B 516 3.24 0.40 -13.61
C ASP B 516 4.56 -0.35 -13.66
N SER B 517 5.39 -0.14 -12.64
CA SER B 517 6.57 -0.97 -12.46
C SER B 517 6.80 -1.24 -10.98
N LEU B 518 5.71 -1.36 -10.22
CA LEU B 518 5.80 -1.35 -8.76
C LEU B 518 6.74 -2.42 -8.23
N GLN B 519 6.63 -3.63 -8.75
CA GLN B 519 7.23 -4.76 -8.04
C GLN B 519 8.74 -4.66 -7.97
N ASP B 520 9.37 -3.83 -8.80
CA ASP B 520 10.80 -3.62 -8.69
C ASP B 520 11.17 -2.27 -8.09
N ILE B 521 10.46 -1.22 -8.51
CA ILE B 521 10.81 0.17 -8.10
C ILE B 521 10.64 0.21 -6.58
N LYS B 522 9.56 -0.42 -6.10
CA LYS B 522 9.27 -0.49 -4.65
C LYS B 522 10.44 -1.21 -3.95
N GLN B 523 10.84 -2.37 -4.46
CA GLN B 523 11.91 -3.12 -3.79
C GLN B 523 13.19 -2.29 -3.72
N LYS B 524 13.53 -1.60 -4.81
CA LYS B 524 14.74 -0.78 -4.82
C LYS B 524 14.64 0.35 -3.82
N VAL B 525 13.49 1.02 -3.76
CA VAL B 525 13.33 2.12 -2.82
C VAL B 525 13.46 1.63 -1.39
N GLN B 526 12.83 0.49 -1.08
CA GLN B 526 12.90 -0.02 0.29
C GLN B 526 14.34 -0.39 0.67
N ASP B 527 15.00 -1.15 -0.21
CA ASP B 527 16.37 -1.56 0.07
C ASP B 527 17.30 -0.37 0.16
N LYS B 528 16.96 0.74 -0.49
CA LYS B 528 17.82 1.91 -0.39
C LYS B 528 17.59 2.70 0.89
N TYR B 529 16.34 2.92 1.30
CA TYR B 529 16.16 3.74 2.48
C TYR B 529 16.49 3.01 3.78
N ARG B 530 16.36 1.68 3.83
CA ARG B 530 16.86 0.97 5.01
C ARG B 530 18.36 1.14 5.15
N TYR B 531 19.08 1.03 4.04
CA TYR B 531 20.53 1.23 4.05
C TYR B 531 20.89 2.65 4.50
N CYS B 532 20.17 3.64 3.98
CA CYS B 532 20.45 5.02 4.37
C CYS B 532 20.26 5.23 5.87
N GLU B 533 19.16 4.71 6.42
CA GLU B 533 18.92 4.89 7.85
C GLU B 533 20.00 4.22 8.68
N SER B 534 20.40 3.00 8.31
CA SER B 534 21.43 2.32 9.07
C SER B 534 22.74 3.10 9.03
N ARG B 535 23.09 3.64 7.86
CA ARG B 535 24.33 4.39 7.75
C ARG B 535 24.33 5.64 8.63
N ARG B 536 23.22 6.38 8.63
CA ARG B 536 23.23 7.59 9.46
C ARG B 536 23.31 7.23 10.94
N ARG B 537 22.68 6.13 11.35
CA ARG B 537 22.86 5.68 12.72
C ARG B 537 24.33 5.37 13.02
N VAL B 538 25.03 4.78 12.06
CA VAL B 538 26.45 4.47 12.27
C VAL B 538 27.26 5.75 12.44
N LEU B 539 26.98 6.77 11.62
CA LEU B 539 27.74 8.02 11.75
C LEU B 539 27.54 8.65 13.13
N LEU B 540 26.29 8.71 13.59
CA LEU B 540 26.04 9.32 14.90
C LEU B 540 26.73 8.53 16.01
N GLN B 541 26.69 7.20 15.93
CA GLN B 541 27.38 6.39 16.93
C GLN B 541 28.88 6.66 16.92
N HIS B 542 29.47 6.78 15.72
CA HIS B 542 30.91 7.04 15.63
C HIS B 542 31.25 8.37 16.28
N VAL B 543 30.46 9.41 16.01
CA VAL B 543 30.75 10.73 16.58
C VAL B 543 30.70 10.67 18.10
N HIS B 544 29.64 10.09 18.64
CA HIS B 544 29.50 10.11 20.10
C HIS B 544 30.55 9.24 20.78
N GLU B 545 30.88 8.10 20.18
CA GLU B 545 31.95 7.29 20.75
C GLU B 545 33.28 8.04 20.71
N GLY B 546 33.54 8.77 19.64
CA GLY B 546 34.74 9.58 19.59
C GLY B 546 34.77 10.64 20.67
N TYR B 547 33.63 11.27 20.95
CA TYR B 547 33.56 12.20 22.07
C TYR B 547 33.92 11.51 23.37
N GLU B 548 33.37 10.33 23.61
CA GLU B 548 33.61 9.63 24.87
C GLU B 548 35.08 9.24 25.02
N LYS B 549 35.68 8.74 23.95
CA LYS B 549 37.01 8.15 24.03
C LYS B 549 38.14 9.17 23.87
N ASP B 550 37.82 10.44 23.67
CA ASP B 550 38.82 11.49 23.45
C ASP B 550 39.74 11.08 22.30
N LEU B 551 39.16 11.00 21.11
CA LEU B 551 39.85 10.51 19.94
C LEU B 551 40.11 11.56 18.88
N TRP B 552 39.42 12.69 18.93
CA TRP B 552 39.57 13.71 17.90
C TRP B 552 40.59 14.76 18.31
N GLU B 553 41.05 15.53 17.33
CA GLU B 553 41.95 16.64 17.57
C GLU B 553 41.49 17.86 16.77
N TYR B 554 41.49 19.01 17.41
CA TYR B 554 40.96 20.23 16.82
C TYR B 554 42.06 21.23 16.48
N ARG C 21 26.59 -47.48 34.32
CA ARG C 21 28.04 -47.39 34.19
C ARG C 21 28.44 -46.44 33.07
N PHE C 22 28.59 -46.98 31.85
CA PHE C 22 28.96 -46.16 30.71
C PHE C 22 27.89 -45.12 30.42
N GLU C 23 26.69 -45.57 30.07
CA GLU C 23 25.51 -44.73 29.92
C GLU C 23 25.70 -43.62 28.88
N VAL C 24 26.40 -43.90 27.79
CA VAL C 24 26.48 -42.94 26.69
C VAL C 24 26.24 -43.64 25.36
N LYS C 25 25.30 -43.12 24.57
CA LYS C 25 24.94 -43.73 23.29
C LYS C 25 24.97 -42.77 22.12
N LYS C 26 24.56 -41.52 22.31
CA LYS C 26 24.51 -40.57 21.22
C LYS C 26 24.57 -39.17 21.79
N TRP C 27 25.15 -38.25 21.02
CA TRP C 27 25.30 -36.87 21.45
C TRP C 27 25.06 -35.96 20.26
N ASN C 28 24.34 -34.87 20.48
CA ASN C 28 24.04 -33.90 19.43
C ASN C 28 24.30 -32.51 19.98
N ALA C 29 25.48 -31.97 19.70
CA ALA C 29 25.90 -30.69 20.24
C ALA C 29 25.67 -29.60 19.20
N VAL C 30 25.61 -28.36 19.69
CA VAL C 30 25.39 -27.18 18.85
C VAL C 30 26.50 -26.18 19.14
N ALA C 31 27.20 -25.75 18.09
CA ALA C 31 28.38 -24.90 18.22
C ALA C 31 28.27 -23.72 17.28
N LEU C 32 28.89 -22.60 17.65
CA LEU C 32 28.82 -21.38 16.86
C LEU C 32 30.12 -21.10 16.12
N TRP C 33 30.00 -20.88 14.82
CA TRP C 33 31.07 -20.40 13.96
C TRP C 33 31.31 -18.92 14.22
N ALA C 34 32.56 -18.53 14.36
CA ALA C 34 32.91 -17.13 14.60
C ALA C 34 34.38 -16.90 14.25
N TRP C 35 34.68 -15.71 13.72
CA TRP C 35 36.06 -15.38 13.41
C TRP C 35 36.88 -15.29 14.68
N ASP C 36 38.19 -15.47 14.53
CA ASP C 36 39.10 -15.53 15.68
C ASP C 36 39.67 -14.17 16.04
N ILE C 37 38.80 -13.22 16.36
CA ILE C 37 39.21 -11.83 16.47
C ILE C 37 38.82 -11.28 17.83
N VAL C 38 39.73 -10.52 18.44
CA VAL C 38 39.54 -10.06 19.81
C VAL C 38 38.45 -9.00 19.90
N VAL C 39 38.38 -8.10 18.91
CA VAL C 39 37.41 -7.01 18.91
C VAL C 39 36.66 -7.03 17.59
N ASP C 40 35.43 -6.52 17.60
CA ASP C 40 34.52 -6.68 16.47
C ASP C 40 33.89 -5.36 16.01
N ASN C 41 34.61 -4.61 15.19
CA ASN C 41 33.97 -3.52 14.44
C ASN C 41 34.49 -3.32 13.02
N CYS C 42 35.63 -3.90 12.64
CA CYS C 42 36.28 -3.69 11.35
C CYS C 42 36.86 -2.30 11.22
N ALA C 43 36.49 -1.38 12.12
CA ALA C 43 37.13 -0.08 12.28
C ALA C 43 37.30 0.68 10.97
N ILE C 44 36.60 0.31 9.91
CA ILE C 44 36.69 1.03 8.64
C ILE C 44 35.28 1.41 8.20
N CYS C 45 34.41 0.40 8.07
CA CYS C 45 33.01 0.64 7.81
C CYS C 45 32.17 0.58 9.07
N ARG C 46 32.79 0.30 10.21
CA ARG C 46 32.12 0.28 11.51
C ARG C 46 30.98 -0.74 11.58
N ASN C 47 30.88 -1.63 10.60
CA ASN C 47 29.90 -2.69 10.63
C ASN C 47 30.33 -3.72 11.67
N HIS C 48 29.53 -4.76 11.85
CA HIS C 48 29.96 -5.91 12.64
C HIS C 48 30.88 -6.75 11.77
N ILE C 49 31.90 -7.33 12.38
CA ILE C 49 32.93 -8.03 11.61
C ILE C 49 32.32 -9.19 10.84
N MET C 50 31.31 -9.85 11.43
CA MET C 50 30.70 -11.00 10.77
C MET C 50 29.73 -10.60 9.67
N ASP C 51 29.24 -9.36 9.68
CA ASP C 51 28.25 -8.93 8.70
C ASP C 51 28.94 -8.69 7.36
N LEU C 52 28.19 -8.22 6.38
CA LEU C 52 28.75 -7.85 5.09
C LEU C 52 29.36 -6.46 5.19
N CYS C 53 30.28 -6.16 4.27
CA CYS C 53 30.93 -4.87 4.31
C CYS C 53 30.03 -3.81 3.68
N ILE C 54 30.50 -2.57 3.71
CA ILE C 54 29.77 -1.46 3.12
C ILE C 54 29.62 -1.60 1.61
N GLU C 55 30.43 -2.43 0.98
CA GLU C 55 30.34 -2.66 -0.46
C GLU C 55 29.46 -3.85 -0.80
N CYS C 56 29.72 -5.00 -0.18
CA CYS C 56 28.88 -6.17 -0.43
C CYS C 56 27.47 -6.01 0.13
N GLN C 57 27.22 -5.01 0.97
CA GLN C 57 25.90 -4.82 1.57
C GLN C 57 24.95 -4.03 0.69
N ALA C 58 25.44 -3.04 -0.05
CA ALA C 58 24.57 -2.23 -0.88
C ALA C 58 24.33 -2.88 -2.23
N ASN C 59 23.72 -4.05 -2.24
CA ASN C 59 23.43 -4.77 -3.49
C ASN C 59 22.11 -5.52 -3.41
N GLU C 67 31.51 -14.29 0.15
CA GLU C 67 32.81 -14.03 -0.43
C GLU C 67 33.57 -12.95 0.32
N CYS C 68 32.83 -12.11 1.05
CA CYS C 68 33.43 -11.00 1.78
C CYS C 68 34.11 -11.56 3.03
N THR C 69 35.40 -11.84 2.89
CA THR C 69 36.17 -12.55 3.91
C THR C 69 36.93 -11.56 4.80
N VAL C 70 37.72 -12.10 5.72
CA VAL C 70 38.44 -11.31 6.73
C VAL C 70 39.93 -11.51 6.55
N ALA C 71 40.65 -10.40 6.35
CA ALA C 71 42.09 -10.42 6.21
C ALA C 71 42.75 -10.02 7.52
N TRP C 72 44.05 -10.30 7.63
CA TRP C 72 44.80 -10.05 8.84
C TRP C 72 46.10 -9.31 8.52
N GLY C 73 46.86 -9.01 9.56
CA GLY C 73 48.12 -8.31 9.43
C GLY C 73 49.10 -8.73 10.51
N VAL C 74 50.36 -8.36 10.32
CA VAL C 74 51.42 -8.74 11.25
C VAL C 74 51.19 -8.18 12.64
N CYS C 75 50.69 -6.96 12.76
CA CYS C 75 50.41 -6.35 14.04
C CYS C 75 49.16 -6.91 14.71
N ASN C 76 48.57 -7.98 14.15
CA ASN C 76 47.39 -8.63 14.72
C ASN C 76 46.21 -7.68 14.81
N HIS C 77 45.79 -7.16 13.67
CA HIS C 77 44.56 -6.40 13.52
C HIS C 77 43.71 -7.04 12.43
N ALA C 78 42.41 -6.83 12.51
CA ALA C 78 41.47 -7.50 11.63
C ALA C 78 40.57 -6.48 10.94
N PHE C 79 40.38 -6.68 9.64
CA PHE C 79 39.50 -5.83 8.84
C PHE C 79 38.88 -6.69 7.75
N HIS C 80 37.75 -6.22 7.22
CA HIS C 80 37.22 -6.83 6.01
C HIS C 80 38.27 -6.81 4.92
N PHE C 81 38.10 -7.68 3.94
CA PHE C 81 39.01 -7.62 2.80
C PHE C 81 38.77 -6.41 1.93
N HIS C 82 37.50 -6.14 1.60
CA HIS C 82 37.19 -5.05 0.68
C HIS C 82 37.29 -3.69 1.34
N CYS C 83 37.55 -3.62 2.65
CA CYS C 83 37.83 -2.33 3.27
C CYS C 83 39.32 -2.05 3.26
N ILE C 84 40.12 -3.01 3.75
CA ILE C 84 41.57 -2.83 3.78
C ILE C 84 42.13 -2.73 2.36
N SER C 85 41.46 -3.33 1.38
CA SER C 85 41.94 -3.23 0.01
C SER C 85 41.95 -1.78 -0.47
N ARG C 86 40.82 -1.08 -0.34
CA ARG C 86 40.76 0.31 -0.75
C ARG C 86 41.64 1.19 0.14
N TRP C 87 41.70 0.86 1.44
CA TRP C 87 42.54 1.64 2.33
C TRP C 87 44.00 1.60 1.88
N LEU C 88 44.49 0.42 1.51
CA LEU C 88 45.87 0.33 1.03
C LEU C 88 46.01 0.91 -0.37
N LYS C 89 44.96 0.83 -1.18
CA LYS C 89 45.02 1.46 -2.51
C LYS C 89 45.23 2.96 -2.39
N THR C 90 44.73 3.57 -1.31
CA THR C 90 44.99 4.99 -1.12
C THR C 90 46.28 5.23 -0.36
N ARG C 91 46.39 4.73 0.87
CA ARG C 91 47.55 4.97 1.72
C ARG C 91 48.03 3.66 2.33
N GLN C 92 49.34 3.53 2.50
CA GLN C 92 49.94 2.29 2.96
C GLN C 92 50.26 2.33 4.47
N VAL C 93 49.22 2.48 5.28
CA VAL C 93 49.36 2.45 6.74
C VAL C 93 48.17 1.72 7.34
N CYS C 94 48.42 0.90 8.34
CA CYS C 94 47.33 0.23 9.07
C CYS C 94 46.58 1.25 9.90
N PRO C 95 45.27 1.42 9.71
CA PRO C 95 44.59 2.59 10.28
C PRO C 95 44.14 2.45 11.73
N LEU C 96 44.98 1.88 12.58
CA LEU C 96 44.84 2.03 14.02
C LEU C 96 46.18 2.24 14.69
N ASP C 97 47.26 2.30 13.92
CA ASP C 97 48.61 2.24 14.45
C ASP C 97 49.55 2.75 13.35
N ASN C 98 50.25 3.84 13.61
CA ASN C 98 50.99 4.49 12.54
C ASN C 98 52.20 3.65 12.16
N ARG C 99 51.96 2.46 11.59
CA ARG C 99 52.99 1.54 11.18
C ARG C 99 52.67 1.01 9.79
N GLU C 100 53.69 0.47 9.13
CA GLU C 100 53.49 -0.15 7.84
C GLU C 100 52.70 -1.43 7.99
N TRP C 101 52.08 -1.87 6.90
CA TRP C 101 51.12 -2.95 6.93
C TRP C 101 51.39 -3.93 5.79
N GLU C 102 51.43 -5.22 6.15
CA GLU C 102 51.53 -6.28 5.15
C GLU C 102 50.74 -7.48 5.65
N PHE C 103 50.22 -8.26 4.72
CA PHE C 103 49.31 -9.34 5.06
C PHE C 103 50.05 -10.48 5.77
N GLN C 104 49.34 -11.14 6.68
CA GLN C 104 49.95 -12.18 7.50
C GLN C 104 49.14 -13.46 7.49
N LYS C 105 47.82 -13.34 7.31
CA LYS C 105 46.95 -14.51 7.31
C LYS C 105 45.65 -14.15 6.61
N TYR C 106 45.36 -14.81 5.50
CA TYR C 106 44.07 -14.63 4.87
C TYR C 106 42.99 -15.36 5.67
N GLY C 107 41.74 -15.09 5.35
CA GLY C 107 40.63 -15.72 6.04
C GLY C 107 39.74 -16.47 5.07
N HIS C 108 39.35 -17.67 5.48
CA HIS C 108 38.47 -18.49 4.64
C HIS C 108 37.41 -19.17 5.50
ZN ZN D . 6.88 27.35 21.51
ZN ZN E . 22.58 24.10 20.56
ZN ZN F . 34.54 -3.51 6.88
ZN ZN G . 47.63 -2.58 12.95
ZN ZN H . 32.66 -7.15 1.10
#